data_7XTA
#
_entry.id   7XTA
#
loop_
_entity.id
_entity.type
_entity.pdbx_description
1 polymer 'Guanine nucleotide-binding protein G(i) subunit alpha-1'
2 polymer 'Guanine nucleotide-binding protein G(I)/G(S)/G(T) subunit beta-1'
3 polymer scFv16
4 polymer 'Guanine nucleotide-binding protein G(I)/G(S)/G(O) subunit gamma-2'
5 polymer 'Soluble cytochrome b562,5-hydroxytryptamine receptor 4'
6 non-polymer SEROTONIN
#
loop_
_entity_poly.entity_id
_entity_poly.type
_entity_poly.pdbx_seq_one_letter_code
_entity_poly.pdbx_strand_id
1 'polypeptide(L)'
;MGCTLSAEDKAAVERSKMIDRNLREDGEKAAREVKLLLLGAGESGKNTIVKQMKIIHEAGYSEEECKQYKAVVYSNTIQS
IIAIIRAMGRLKIDFGDSARADDARQLFVLAGAAEEGFMTAELAGVIKRLWKDSGVQACFNRSREYQLNDSAAYYLNDLD
RIAQPNYIPTQQDVLRTRVKTTGIVETHFTFKDLHFKMFDVGAQRSERKKWIHCFEGVTAIIFCVALSDYDLVLAEDEEM
NRMHASMKLFDSICNNKWFTDTSIILFLNKKDLFEEKIKKSPLTICYPEYAGSNTYEEAAAYIQCQFEDLNKRKDTKEIY
THFTCSTDTKNVQFVFDAVTDVIIKNNLKDCGLF
;
A
2 'polypeptide(L)'
;MGSLLQSELDQLRQEAEQLKNQIRDARKACADATLSQITNNIDPVGRIQMRTRRTLRGHLAKIYAMHWGTDSRLLVSASQ
DGKLIIWDSYTTNKVHAIPLRSSWVMTCAYAPSGNYVACGGLDNICSIYNLKTREGNVRVSRELAGHTGYLSCCRFLDDN
QIVTSSGDTTCALWDIETGQQTTTFTGHTGDVMSLSLAPDTRLFVSGACDASAKLWDVREGMCRQTFTGHESDINAICFF
PNGNAFATGSDDATCRLFDLRADQELMTYSHDNIICGITSVSFSKSGRLLLAGYDDFNCNVWDALKADRAGVLAGHDNRV
SCLGVTDDGMAVATGSWDSFLKIWN
;
B
3 'polypeptide(L)'
;MDVQLVESGGGLVQPGGSRKLSCSASGFAFSSFGMHWVRQAPEKGLEWVAYISSGSGTIYYADTVKGRFTISRDDPKNTL
FLQMTSLRSEDTAMYYCVRSIYYYGSSPFDFWGQGTTLTVSSGGGGSGGGGSGGGGSDIVMTQATSSVPVTPGESVSISC
RSSKSLLHSNGNTYLYWFLQRPGQSPQLLIYRMSNLASGVPDRFSGSGSGTAFTLTISRLEAEDVGVYYCMQHLEYPLTF
GAGTKLELK
;
E
4 'polypeptide(L)' MASNNTASIAQARKLVEQLKMEANIDRIKVSKAAADLMAYCEAHAKEDPLLTPVPASENPFREKKFFCAIL G
5 'polypeptide(L)'
;DYKDDDDAKLQTMHHHHHHHHHHADLEDNWETLNDNLKVIEKADNAAQVKDALTKMRAAALDAQKATPPKLEDKSPDSPE
MKDFRHGFDILVGQIDDALKLANEGKVKEAQAAAEQLKTTRNAYIQKYLASENLYFQGGTDKLDANVSSEEGFGSVEKVV
LLTFLSTVILMAILGNLLVMVAVCWDRQLRKIKTNYFIVSLAFADLLVSVLVMPFGAIELVQDIWIYGEVFCLVRTSLDV
LLTTASIFHLCCISLDRYYAICCQPLVYRNKMTPLRIALMLGGCWVIPTFISFLPIMQGWNNIGIIDLIEKRKFNQNSNS
TYCVFMVNKPYAITCSVVAFYIPFLLMVLAYYRIYVTAKEHAHQIQMLQRAGASSESRPQSADQHSTHRMRTETKAAKTL
CIIMGCFCLCWAPFFVTNIVDPFIDYTVPGQVWTAFLWLGYINSGLNPFLYAFLNKSFRRAFLIILCCDDERYRRPSILG
QTVPCSTTTINGSTHVLRDAVECGGQWESQCHPPATSPLVAAQPSDT
;
R
#
# COMPACT_ATOMS: atom_id res chain seq x y z
N THR A 4 27.70 2.55 8.05
CA THR A 4 27.20 1.26 8.56
C THR A 4 26.19 1.47 9.69
N LEU A 5 25.16 0.61 9.73
CA LEU A 5 24.13 0.76 10.74
C LEU A 5 24.67 0.43 12.12
N SER A 6 24.13 1.14 13.11
CA SER A 6 24.45 0.85 14.50
C SER A 6 23.58 -0.30 15.02
N ALA A 7 23.88 -0.77 16.23
CA ALA A 7 23.12 -1.86 16.81
C ALA A 7 21.64 -1.50 16.96
N GLU A 8 21.36 -0.30 17.46
CA GLU A 8 19.97 0.15 17.56
C GLU A 8 19.33 0.27 16.19
N ASP A 9 20.09 0.75 15.19
CA ASP A 9 19.56 0.82 13.84
C ASP A 9 19.23 -0.57 13.29
N LYS A 10 20.11 -1.55 13.55
CA LYS A 10 19.85 -2.91 13.10
C LYS A 10 18.60 -3.47 13.77
N ALA A 11 18.45 -3.21 15.07
CA ALA A 11 17.24 -3.66 15.76
C ALA A 11 16.00 -2.99 15.17
N ALA A 12 16.08 -1.70 14.85
CA ALA A 12 14.95 -1.01 14.23
C ALA A 12 14.61 -1.62 12.87
N VAL A 13 15.63 -1.98 12.09
CA VAL A 13 15.38 -2.62 10.79
C VAL A 13 14.72 -3.98 10.99
N GLU A 14 15.18 -4.74 11.99
CA GLU A 14 14.54 -6.02 12.27
C GLU A 14 13.07 -5.84 12.65
N ARG A 15 12.79 -4.83 13.48
CA ARG A 15 11.41 -4.55 13.87
C ARG A 15 10.59 -4.17 12.64
N SER A 16 11.16 -3.36 11.75
CA SER A 16 10.45 -2.96 10.54
C SER A 16 10.13 -4.16 9.67
N LYS A 17 11.09 -5.08 9.53
CA LYS A 17 10.83 -6.28 8.74
C LYS A 17 9.77 -7.16 9.39
N MET A 18 9.77 -7.27 10.72
CA MET A 18 8.72 -8.02 11.38
C MET A 18 7.36 -7.38 11.14
N ILE A 19 7.28 -6.06 11.20
CA ILE A 19 6.03 -5.35 10.91
C ILE A 19 5.61 -5.61 9.47
N ASP A 20 6.57 -5.64 8.54
CA ASP A 20 6.28 -5.93 7.15
C ASP A 20 5.67 -7.32 7.00
N ARG A 21 6.26 -8.30 7.69
CA ARG A 21 5.73 -9.66 7.63
C ARG A 21 4.32 -9.73 8.19
N ASN A 22 4.07 -9.05 9.31
CA ASN A 22 2.72 -9.03 9.88
C ASN A 22 1.73 -8.38 8.92
N LEU A 23 2.13 -7.27 8.29
CA LEU A 23 1.25 -6.62 7.32
C LEU A 23 0.95 -7.53 6.15
N ARG A 24 1.97 -8.24 5.65
CA ARG A 24 1.75 -9.16 4.54
C ARG A 24 0.81 -10.28 4.93
N GLU A 25 0.97 -10.83 6.13
CA GLU A 25 0.06 -11.89 6.58
C GLU A 25 -1.36 -11.37 6.69
N ASP A 26 -1.55 -10.18 7.26
CA ASP A 26 -2.89 -9.62 7.38
C ASP A 26 -3.51 -9.36 6.01
N GLY A 27 -2.72 -8.87 5.06
CA GLY A 27 -3.23 -8.68 3.71
C GLY A 27 -3.63 -10.00 3.07
N GLU A 28 -2.82 -11.04 3.28
CA GLU A 28 -3.17 -12.36 2.76
C GLU A 28 -4.50 -12.83 3.34
N LYS A 29 -4.71 -12.60 4.64
CA LYS A 29 -6.01 -12.90 5.23
C LYS A 29 -7.10 -12.03 4.61
N ALA A 30 -6.80 -10.74 4.37
CA ALA A 30 -7.80 -9.83 3.85
C ALA A 30 -8.26 -10.20 2.44
N ALA A 31 -7.34 -10.67 1.59
CA ALA A 31 -7.69 -10.94 0.21
C ALA A 31 -8.61 -12.15 0.08
N ARG A 32 -8.63 -13.03 1.10
CA ARG A 32 -9.40 -14.26 1.01
C ARG A 32 -10.89 -14.05 1.19
N GLU A 33 -11.32 -12.90 1.69
CA GLU A 33 -12.72 -12.67 2.05
C GLU A 33 -13.33 -11.66 1.09
N VAL A 34 -14.54 -11.97 0.61
CA VAL A 34 -15.23 -11.12 -0.34
C VAL A 34 -15.72 -9.86 0.37
N LYS A 35 -15.87 -8.78 -0.40
CA LYS A 35 -16.42 -7.52 0.10
C LYS A 35 -17.68 -7.20 -0.70
N LEU A 36 -18.79 -6.95 0.01
CA LEU A 36 -20.08 -6.66 -0.62
C LEU A 36 -20.61 -5.34 -0.08
N LEU A 37 -21.28 -4.59 -0.96
CA LEU A 37 -21.89 -3.32 -0.61
C LEU A 37 -23.41 -3.47 -0.68
N LEU A 38 -24.09 -3.10 0.41
CA LEU A 38 -25.54 -3.20 0.50
C LEU A 38 -26.15 -1.81 0.35
N LEU A 39 -27.14 -1.69 -0.53
CA LEU A 39 -27.78 -0.41 -0.82
C LEU A 39 -29.27 -0.62 -0.99
N GLY A 40 -30.01 0.47 -0.81
CA GLY A 40 -31.45 0.43 -0.96
C GLY A 40 -32.10 1.60 -0.27
N ALA A 41 -33.40 1.74 -0.51
CA ALA A 41 -34.16 2.80 0.12
C ALA A 41 -34.31 2.55 1.61
N GLY A 42 -34.77 3.58 2.33
CA GLY A 42 -34.87 3.47 3.78
C GLY A 42 -35.76 2.32 4.21
N GLU A 43 -36.91 2.16 3.55
CA GLU A 43 -37.85 1.10 3.86
C GLU A 43 -37.82 -0.04 2.84
N SER A 44 -36.70 -0.21 2.12
CA SER A 44 -36.59 -1.25 1.11
C SER A 44 -36.42 -2.64 1.71
N GLY A 45 -36.25 -2.76 3.02
CA GLY A 45 -36.08 -4.05 3.65
C GLY A 45 -34.64 -4.48 3.85
N LYS A 46 -33.71 -3.54 3.93
CA LYS A 46 -32.30 -3.90 4.15
C LYS A 46 -32.14 -4.64 5.46
N ASN A 47 -32.82 -4.18 6.51
CA ASN A 47 -32.73 -4.82 7.81
C ASN A 47 -33.21 -6.26 7.75
N THR A 48 -34.33 -6.50 7.06
CA THR A 48 -34.85 -7.86 6.99
C THR A 48 -33.85 -8.80 6.34
N ILE A 49 -33.31 -8.41 5.18
CA ILE A 49 -32.40 -9.30 4.45
C ILE A 49 -31.11 -9.51 5.24
N VAL A 50 -30.56 -8.43 5.82
CA VAL A 50 -29.30 -8.57 6.54
C VAL A 50 -29.49 -9.46 7.77
N LYS A 51 -30.60 -9.31 8.48
CA LYS A 51 -30.86 -10.17 9.62
C LYS A 51 -31.05 -11.62 9.17
N GLN A 52 -31.76 -11.82 8.05
CA GLN A 52 -32.03 -13.17 7.57
C GLN A 52 -30.76 -13.90 7.15
N MET A 53 -29.84 -13.20 6.47
CA MET A 53 -28.64 -13.86 5.97
C MET A 53 -27.66 -14.17 7.10
N LYS A 54 -27.74 -13.44 8.21
CA LYS A 54 -26.76 -13.61 9.28
C LYS A 54 -26.98 -14.92 10.01
N ILE A 55 -26.27 -15.97 9.59
CA ILE A 55 -26.38 -17.28 10.21
C ILE A 55 -25.69 -17.28 11.57
N THR A 182 -24.30 4.96 13.95
CA THR A 182 -24.86 5.98 13.07
C THR A 182 -24.01 6.13 11.81
N GLY A 183 -23.30 5.08 11.43
CA GLY A 183 -22.42 5.10 10.28
C GLY A 183 -22.37 3.75 9.62
N ILE A 184 -21.20 3.40 9.09
CA ILE A 184 -21.04 2.13 8.39
C ILE A 184 -21.24 0.98 9.37
N VAL A 185 -21.99 -0.03 8.95
CA VAL A 185 -22.25 -1.23 9.73
C VAL A 185 -21.68 -2.41 8.98
N GLU A 186 -20.84 -3.19 9.66
CA GLU A 186 -20.18 -4.34 9.06
C GLU A 186 -20.75 -5.63 9.65
N THR A 187 -21.15 -6.55 8.76
CA THR A 187 -21.70 -7.84 9.16
C THR A 187 -20.84 -8.93 8.54
N HIS A 188 -20.37 -9.86 9.38
CA HIS A 188 -19.48 -10.94 8.95
C HIS A 188 -20.22 -12.27 9.03
N PHE A 189 -20.14 -13.05 7.96
CA PHE A 189 -20.71 -14.39 7.95
C PHE A 189 -20.00 -15.21 6.88
N THR A 190 -20.05 -16.53 7.05
CA THR A 190 -19.37 -17.47 6.18
C THR A 190 -20.37 -18.49 5.65
N PHE A 191 -20.23 -18.84 4.38
CA PHE A 191 -21.10 -19.84 3.75
C PHE A 191 -20.26 -20.73 2.85
N LYS A 192 -20.30 -22.03 3.11
CA LYS A 192 -19.54 -23.03 2.37
C LYS A 192 -18.07 -22.61 2.26
N ASP A 193 -17.49 -22.25 3.40
CA ASP A 193 -16.05 -22.00 3.51
C ASP A 193 -15.61 -20.79 2.69
N LEU A 194 -16.46 -19.77 2.59
CA LEU A 194 -16.11 -18.51 1.96
C LEU A 194 -16.53 -17.37 2.87
N HIS A 195 -15.59 -16.47 3.17
CA HIS A 195 -15.86 -15.38 4.11
C HIS A 195 -16.60 -14.26 3.39
N PHE A 196 -17.69 -13.80 4.02
CA PHE A 196 -18.51 -12.72 3.47
C PHE A 196 -18.60 -11.59 4.49
N LYS A 197 -18.43 -10.36 4.01
CA LYS A 197 -18.71 -9.17 4.80
C LYS A 197 -19.48 -8.16 3.96
N MET A 198 -20.41 -7.47 4.59
CA MET A 198 -21.29 -6.51 3.91
C MET A 198 -21.12 -5.14 4.55
N PHE A 199 -21.21 -4.10 3.71
CA PHE A 199 -21.10 -2.72 4.16
C PHE A 199 -22.44 -2.04 3.96
N ASP A 200 -23.11 -1.70 5.06
CA ASP A 200 -24.40 -1.02 5.02
C ASP A 200 -24.15 0.48 5.08
N VAL A 201 -24.38 1.16 3.96
CA VAL A 201 -24.13 2.60 3.87
C VAL A 201 -25.39 3.43 4.01
N GLY A 202 -26.53 2.80 4.32
CA GLY A 202 -27.78 3.53 4.41
C GLY A 202 -27.80 4.57 5.51
N ALA A 203 -27.15 4.32 6.64
CA ALA A 203 -27.19 5.25 7.75
C ALA A 203 -26.54 6.59 7.42
N GLN A 204 -25.68 6.64 6.41
CA GLN A 204 -24.99 7.87 6.06
C GLN A 204 -25.90 8.82 5.30
N ARG A 205 -26.46 9.81 6.00
CA ARG A 205 -27.29 10.82 5.35
C ARG A 205 -26.42 11.96 4.84
N SER A 206 -25.48 11.65 3.95
CA SER A 206 -24.57 12.64 3.40
C SER A 206 -24.43 12.40 1.90
N GLU A 207 -23.85 13.39 1.21
CA GLU A 207 -23.68 13.30 -0.23
C GLU A 207 -22.86 12.07 -0.59
N ARG A 208 -23.35 11.30 -1.57
CA ARG A 208 -22.75 10.01 -1.87
C ARG A 208 -21.43 10.16 -2.62
N LYS A 209 -21.38 11.10 -3.57
CA LYS A 209 -20.25 11.16 -4.50
C LYS A 209 -18.93 11.43 -3.80
N LYS A 210 -18.95 11.94 -2.55
CA LYS A 210 -17.72 12.26 -1.85
C LYS A 210 -17.12 11.07 -1.11
N TRP A 211 -17.87 9.96 -0.98
CA TRP A 211 -17.35 8.77 -0.31
C TRP A 211 -17.69 7.47 -1.03
N ILE A 212 -18.48 7.49 -2.10
CA ILE A 212 -18.85 6.26 -2.78
C ILE A 212 -17.63 5.60 -3.41
N HIS A 213 -16.64 6.40 -3.82
CA HIS A 213 -15.46 5.85 -4.47
C HIS A 213 -14.67 4.93 -3.55
N CYS A 214 -14.89 5.00 -2.23
CA CYS A 214 -14.17 4.12 -1.31
C CYS A 214 -14.48 2.65 -1.59
N PHE A 215 -15.66 2.37 -2.14
CA PHE A 215 -16.10 1.00 -2.38
C PHE A 215 -15.81 0.53 -3.81
N GLU A 216 -14.80 1.11 -4.47
CA GLU A 216 -14.52 0.73 -5.85
C GLU A 216 -14.12 -0.74 -5.97
N GLY A 217 -13.53 -1.31 -4.92
CA GLY A 217 -13.03 -2.66 -4.96
C GLY A 217 -14.01 -3.73 -4.53
N VAL A 218 -15.27 -3.38 -4.28
CA VAL A 218 -16.25 -4.38 -3.85
C VAL A 218 -16.48 -5.39 -4.96
N THR A 219 -16.56 -6.66 -4.59
CA THR A 219 -16.80 -7.71 -5.59
C THR A 219 -18.15 -7.53 -6.27
N ALA A 220 -19.19 -7.19 -5.50
CA ALA A 220 -20.51 -6.99 -6.07
C ALA A 220 -21.31 -6.08 -5.16
N ILE A 221 -22.37 -5.50 -5.73
CA ILE A 221 -23.26 -4.60 -5.00
C ILE A 221 -24.61 -5.29 -4.85
N ILE A 222 -25.09 -5.39 -3.62
CA ILE A 222 -26.40 -5.97 -3.32
C ILE A 222 -27.40 -4.83 -3.19
N PHE A 223 -28.40 -4.83 -4.05
CA PHE A 223 -29.39 -3.75 -4.12
C PHE A 223 -30.76 -4.30 -3.73
N CYS A 224 -31.43 -3.59 -2.83
CA CYS A 224 -32.73 -3.99 -2.32
C CYS A 224 -33.78 -2.98 -2.75
N VAL A 225 -34.86 -3.47 -3.37
CA VAL A 225 -36.00 -2.65 -3.76
C VAL A 225 -37.27 -3.35 -3.32
N ALA A 226 -38.18 -2.58 -2.72
CA ALA A 226 -39.43 -3.14 -2.21
C ALA A 226 -40.51 -3.05 -3.29
N LEU A 227 -41.09 -4.20 -3.62
CA LEU A 227 -42.14 -4.23 -4.65
C LEU A 227 -43.40 -3.52 -4.19
N SER A 228 -43.67 -3.52 -2.88
CA SER A 228 -44.92 -2.96 -2.37
C SER A 228 -44.94 -1.44 -2.42
N ASP A 229 -43.80 -0.79 -2.69
CA ASP A 229 -43.73 0.66 -2.68
C ASP A 229 -44.19 1.30 -3.98
N TYR A 230 -44.82 0.54 -4.88
CA TYR A 230 -45.24 1.12 -6.16
C TYR A 230 -46.45 2.02 -6.02
N ASP A 231 -47.13 2.00 -4.88
CA ASP A 231 -48.30 2.85 -4.66
C ASP A 231 -48.16 3.69 -3.39
N LEU A 232 -46.94 3.89 -2.90
CA LEU A 232 -46.67 4.69 -1.72
C LEU A 232 -45.84 5.89 -2.11
N VAL A 233 -46.22 7.07 -1.60
CA VAL A 233 -45.52 8.31 -1.92
C VAL A 233 -44.34 8.48 -0.97
N LEU A 234 -43.24 9.02 -1.50
CA LEU A 234 -42.04 9.26 -0.71
C LEU A 234 -42.31 10.28 0.38
N ASN A 241 -44.59 7.09 -5.25
CA ASN A 241 -43.54 7.34 -6.24
C ASN A 241 -42.17 6.88 -5.74
N ARG A 242 -42.17 6.15 -4.62
CA ARG A 242 -40.90 5.66 -4.09
C ARG A 242 -40.23 4.68 -5.05
N MET A 243 -41.03 4.03 -5.90
CA MET A 243 -40.43 3.17 -6.94
C MET A 243 -39.59 4.01 -7.90
N HIS A 244 -40.07 5.20 -8.26
CA HIS A 244 -39.28 6.09 -9.10
C HIS A 244 -37.99 6.51 -8.40
N ALA A 245 -38.06 6.78 -7.10
CA ALA A 245 -36.84 7.13 -6.36
C ALA A 245 -35.85 5.97 -6.35
N SER A 246 -36.35 4.75 -6.15
CA SER A 246 -35.47 3.59 -6.17
C SER A 246 -34.85 3.41 -7.55
N MET A 247 -35.64 3.62 -8.60
CA MET A 247 -35.11 3.53 -9.96
C MET A 247 -34.03 4.58 -10.20
N LYS A 248 -34.25 5.80 -9.71
CA LYS A 248 -33.25 6.85 -9.85
C LYS A 248 -31.96 6.49 -9.12
N LEU A 249 -32.08 5.96 -7.90
CA LEU A 249 -30.89 5.54 -7.16
C LEU A 249 -30.16 4.42 -7.88
N PHE A 250 -30.92 3.47 -8.44
CA PHE A 250 -30.30 2.38 -9.21
C PHE A 250 -29.57 2.91 -10.41
N ASP A 251 -30.17 3.88 -11.11
CA ASP A 251 -29.52 4.48 -12.28
C ASP A 251 -28.24 5.18 -11.86
N SER A 252 -28.30 5.91 -10.75
CA SER A 252 -27.14 6.67 -10.28
C SER A 252 -26.01 5.79 -9.78
N ILE A 253 -26.30 4.61 -9.23
CA ILE A 253 -25.30 3.72 -8.69
C ILE A 253 -24.73 2.79 -9.76
N CYS A 254 -25.60 2.20 -10.59
CA CYS A 254 -25.13 1.23 -11.58
C CYS A 254 -24.37 1.90 -12.72
N ASN A 255 -24.76 3.11 -13.11
CA ASN A 255 -24.05 3.86 -14.14
C ASN A 255 -22.88 4.66 -13.59
N ASN A 256 -22.62 4.59 -12.29
CA ASN A 256 -21.53 5.36 -11.70
C ASN A 256 -20.20 4.93 -12.30
N LYS A 257 -19.31 5.91 -12.55
CA LYS A 257 -18.03 5.61 -13.16
C LYS A 257 -17.18 4.70 -12.28
N TRP A 258 -17.39 4.73 -10.98
CA TRP A 258 -16.61 3.90 -10.05
C TRP A 258 -17.09 2.46 -10.00
N PHE A 259 -18.21 2.13 -10.65
CA PHE A 259 -18.77 0.78 -10.60
C PHE A 259 -19.03 0.23 -11.99
N THR A 260 -18.21 0.60 -12.97
CA THR A 260 -18.41 0.11 -14.33
C THR A 260 -18.24 -1.40 -14.41
N ASP A 261 -17.23 -1.95 -13.72
CA ASP A 261 -16.93 -3.36 -13.81
C ASP A 261 -17.61 -4.21 -12.75
N THR A 262 -18.06 -3.60 -11.66
CA THR A 262 -18.67 -4.36 -10.57
C THR A 262 -20.08 -4.80 -10.94
N SER A 263 -20.41 -6.04 -10.59
CA SER A 263 -21.74 -6.58 -10.83
C SER A 263 -22.69 -6.14 -9.73
N ILE A 264 -23.99 -6.28 -10.00
CA ILE A 264 -25.04 -5.89 -9.08
C ILE A 264 -25.95 -7.09 -8.85
N ILE A 265 -26.25 -7.36 -7.58
CA ILE A 265 -27.22 -8.37 -7.18
C ILE A 265 -28.46 -7.64 -6.69
N LEU A 266 -29.59 -7.85 -7.37
CA LEU A 266 -30.82 -7.13 -7.10
C LEU A 266 -31.81 -8.06 -6.42
N PHE A 267 -32.33 -7.64 -5.28
CA PHE A 267 -33.31 -8.41 -4.52
C PHE A 267 -34.64 -7.67 -4.52
N LEU A 268 -35.70 -8.36 -4.95
CA LEU A 268 -37.05 -7.82 -4.92
C LEU A 268 -37.71 -8.28 -3.62
N ASN A 269 -37.86 -7.35 -2.68
CA ASN A 269 -38.32 -7.67 -1.34
C ASN A 269 -39.83 -7.64 -1.24
N LYS A 270 -40.35 -8.35 -0.23
CA LYS A 270 -41.78 -8.34 0.09
C LYS A 270 -42.62 -8.81 -1.11
N LYS A 271 -42.24 -9.96 -1.67
CA LYS A 271 -42.99 -10.50 -2.80
C LYS A 271 -44.40 -10.91 -2.39
N ASP A 272 -44.55 -11.44 -1.16
CA ASP A 272 -45.87 -11.85 -0.70
C ASP A 272 -46.82 -10.67 -0.57
N LEU A 273 -46.33 -9.53 -0.06
CA LEU A 273 -47.18 -8.35 0.06
C LEU A 273 -47.58 -7.84 -1.31
N PHE A 274 -46.65 -7.88 -2.28
CA PHE A 274 -47.00 -7.48 -3.65
C PHE A 274 -48.05 -8.41 -4.23
N GLU A 275 -47.92 -9.71 -3.98
CA GLU A 275 -48.95 -10.66 -4.37
C GLU A 275 -50.29 -10.26 -3.79
N GLU A 276 -50.32 -9.95 -2.49
CA GLU A 276 -51.58 -9.64 -1.82
C GLU A 276 -52.21 -8.36 -2.37
N LYS A 277 -51.42 -7.32 -2.63
CA LYS A 277 -51.96 -6.00 -2.93
C LYS A 277 -52.11 -5.72 -4.41
N ILE A 278 -51.39 -6.44 -5.28
CA ILE A 278 -51.42 -6.12 -6.71
C ILE A 278 -52.81 -6.40 -7.28
N LYS A 279 -53.44 -7.49 -6.86
CA LYS A 279 -54.72 -7.89 -7.44
C LYS A 279 -55.83 -6.87 -7.21
N LYS A 280 -55.68 -5.99 -6.21
CA LYS A 280 -56.67 -4.96 -5.94
C LYS A 280 -56.12 -3.55 -6.17
N SER A 281 -54.98 -3.42 -6.84
CA SER A 281 -54.39 -2.11 -7.13
C SER A 281 -53.56 -2.25 -8.41
N PRO A 282 -54.11 -1.85 -9.55
CA PRO A 282 -53.39 -2.04 -10.82
C PRO A 282 -52.03 -1.35 -10.81
N LEU A 283 -51.06 -1.99 -11.46
CA LEU A 283 -49.71 -1.41 -11.56
C LEU A 283 -49.70 -0.10 -12.32
N THR A 284 -50.73 0.18 -13.12
CA THR A 284 -50.75 1.38 -13.93
C THR A 284 -50.66 2.66 -13.09
N ILE A 285 -50.98 2.59 -11.81
CA ILE A 285 -50.88 3.76 -10.94
C ILE A 285 -49.46 4.29 -10.89
N CYS A 286 -48.47 3.43 -11.13
CA CYS A 286 -47.06 3.81 -11.09
C CYS A 286 -46.45 3.97 -12.48
N TYR A 287 -46.62 2.97 -13.34
CA TYR A 287 -46.05 3.00 -14.68
C TYR A 287 -47.15 3.28 -15.71
N PRO A 288 -47.20 4.47 -16.31
CA PRO A 288 -48.29 4.74 -17.27
C PRO A 288 -48.28 3.83 -18.48
N GLU A 289 -47.12 3.50 -19.01
CA GLU A 289 -47.02 2.79 -20.29
C GLU A 289 -47.17 1.27 -20.15
N TYR A 290 -47.69 0.78 -19.03
CA TYR A 290 -47.86 -0.66 -18.87
C TYR A 290 -48.91 -1.18 -19.85
N ALA A 291 -48.66 -2.38 -20.38
CA ALA A 291 -49.58 -3.04 -21.31
C ALA A 291 -49.62 -4.53 -20.94
N GLY A 292 -50.56 -4.89 -20.06
CA GLY A 292 -50.69 -6.27 -19.64
C GLY A 292 -51.72 -6.42 -18.55
N SER A 293 -51.83 -7.64 -18.05
CA SER A 293 -52.76 -7.95 -16.97
C SER A 293 -52.14 -7.66 -15.61
N ASN A 294 -52.96 -7.74 -14.58
CA ASN A 294 -52.54 -7.40 -13.23
C ASN A 294 -51.97 -8.59 -12.45
N THR A 295 -51.91 -9.76 -13.07
CA THR A 295 -51.42 -10.94 -12.35
C THR A 295 -49.94 -10.77 -12.00
N TYR A 296 -49.55 -11.42 -10.90
CA TYR A 296 -48.20 -11.28 -10.37
C TYR A 296 -47.15 -11.77 -11.37
N GLU A 297 -47.41 -12.90 -12.02
CA GLU A 297 -46.37 -13.57 -12.81
C GLU A 297 -45.78 -12.65 -13.88
N GLU A 298 -46.58 -11.77 -14.45
CA GLU A 298 -46.09 -10.83 -15.45
C GLU A 298 -45.87 -9.43 -14.92
N ALA A 299 -46.58 -9.03 -13.87
CA ALA A 299 -46.31 -7.73 -13.26
C ALA A 299 -44.90 -7.68 -12.70
N ALA A 300 -44.51 -8.71 -11.95
CA ALA A 300 -43.13 -8.76 -11.45
C ALA A 300 -42.13 -8.85 -12.59
N ALA A 301 -42.48 -9.56 -13.65
CA ALA A 301 -41.60 -9.62 -14.82
C ALA A 301 -41.38 -8.23 -15.41
N TYR A 302 -42.45 -7.45 -15.52
CA TYR A 302 -42.33 -6.10 -16.07
C TYR A 302 -41.49 -5.22 -15.14
N ILE A 303 -41.68 -5.36 -13.82
CA ILE A 303 -40.88 -4.59 -12.88
C ILE A 303 -39.39 -4.91 -13.06
N GLN A 304 -39.06 -6.20 -13.07
CA GLN A 304 -37.65 -6.58 -13.19
C GLN A 304 -37.07 -6.15 -14.52
N CYS A 305 -37.85 -6.26 -15.60
CA CYS A 305 -37.39 -5.79 -16.90
C CYS A 305 -37.10 -4.30 -16.87
N GLN A 306 -37.97 -3.52 -16.24
CA GLN A 306 -37.71 -2.08 -16.12
C GLN A 306 -36.44 -1.82 -15.32
N PHE A 307 -36.23 -2.56 -14.23
CA PHE A 307 -35.02 -2.38 -13.43
C PHE A 307 -33.77 -2.72 -14.25
N GLU A 308 -33.82 -3.82 -15.01
CA GLU A 308 -32.65 -4.23 -15.77
C GLU A 308 -32.41 -3.33 -16.98
N ASP A 309 -33.48 -2.81 -17.59
CA ASP A 309 -33.33 -1.95 -18.75
C ASP A 309 -32.58 -0.67 -18.45
N LEU A 310 -32.50 -0.26 -17.18
CA LEU A 310 -31.76 0.93 -16.81
C LEU A 310 -30.25 0.77 -16.97
N ASN A 311 -29.76 -0.45 -17.16
CA ASN A 311 -28.33 -0.70 -17.31
C ASN A 311 -27.88 -0.21 -18.69
N LYS A 312 -27.02 0.80 -18.71
CA LYS A 312 -26.46 1.34 -19.95
C LYS A 312 -25.11 0.73 -20.30
N ARG A 313 -24.64 -0.22 -19.50
CA ARG A 313 -23.35 -0.88 -19.71
C ARG A 313 -23.53 -2.40 -19.69
N LYS A 314 -24.53 -2.88 -20.44
CA LYS A 314 -24.87 -4.30 -20.41
C LYS A 314 -23.69 -5.19 -20.78
N ASP A 315 -22.76 -4.70 -21.61
CA ASP A 315 -21.66 -5.54 -22.06
C ASP A 315 -20.67 -5.81 -20.94
N THR A 316 -20.44 -4.83 -20.07
CA THR A 316 -19.39 -4.95 -19.05
C THR A 316 -19.90 -5.50 -17.73
N LYS A 317 -21.18 -5.33 -17.41
CA LYS A 317 -21.72 -5.74 -16.12
C LYS A 317 -23.06 -6.44 -16.32
N GLU A 318 -23.44 -7.24 -15.33
CA GLU A 318 -24.67 -8.02 -15.38
C GLU A 318 -25.48 -7.76 -14.11
N ILE A 319 -26.79 -7.95 -14.22
CA ILE A 319 -27.72 -7.69 -13.12
C ILE A 319 -28.34 -9.00 -12.66
N TYR A 320 -27.89 -9.52 -11.53
CA TYR A 320 -28.45 -10.75 -10.97
C TYR A 320 -29.69 -10.45 -10.16
N THR A 321 -30.87 -10.57 -10.78
CA THR A 321 -32.12 -10.29 -10.10
C THR A 321 -32.63 -11.54 -9.38
N HIS A 322 -33.24 -11.33 -8.21
CA HIS A 322 -33.80 -12.43 -7.44
C HIS A 322 -34.94 -11.88 -6.59
N PHE A 323 -35.81 -12.79 -6.14
CA PHE A 323 -36.96 -12.44 -5.33
C PHE A 323 -36.72 -12.93 -3.91
N THR A 324 -36.95 -12.04 -2.93
CA THR A 324 -36.64 -12.32 -1.53
C THR A 324 -37.79 -13.07 -0.90
N CYS A 325 -37.68 -14.39 -0.85
CA CYS A 325 -38.65 -15.22 -0.14
C CYS A 325 -38.12 -15.57 1.24
N SER A 326 -39.02 -15.61 2.22
CA SER A 326 -38.63 -15.94 3.58
C SER A 326 -37.93 -17.29 3.61
N THR A 327 -36.77 -17.34 4.26
CA THR A 327 -35.97 -18.55 4.24
C THR A 327 -34.83 -18.43 5.24
N ASP A 328 -34.05 -19.50 5.34
CA ASP A 328 -32.85 -19.54 6.17
C ASP A 328 -31.58 -19.71 5.35
N THR A 329 -31.65 -20.30 4.16
CA THR A 329 -30.45 -20.64 3.41
C THR A 329 -30.50 -20.22 1.94
N LYS A 330 -31.69 -20.12 1.35
CA LYS A 330 -31.76 -19.88 -0.09
C LYS A 330 -31.19 -18.52 -0.47
N ASN A 331 -31.43 -17.48 0.34
CA ASN A 331 -30.88 -16.17 0.01
C ASN A 331 -29.36 -16.20 -0.02
N VAL A 332 -28.74 -16.74 1.02
CA VAL A 332 -27.28 -16.82 1.06
C VAL A 332 -26.79 -17.75 -0.05
N GLN A 333 -27.55 -18.80 -0.37
CA GLN A 333 -27.17 -19.67 -1.48
C GLN A 333 -27.10 -18.90 -2.79
N PHE A 334 -28.13 -18.09 -3.07
CA PHE A 334 -28.12 -17.30 -4.30
C PHE A 334 -26.98 -16.30 -4.29
N VAL A 335 -26.71 -15.66 -3.15
CA VAL A 335 -25.62 -14.70 -3.08
C VAL A 335 -24.29 -15.40 -3.36
N PHE A 336 -24.09 -16.59 -2.78
CA PHE A 336 -22.84 -17.32 -3.00
C PHE A 336 -22.69 -17.71 -4.46
N ASP A 337 -23.79 -18.18 -5.07
CA ASP A 337 -23.73 -18.54 -6.48
C ASP A 337 -23.37 -17.33 -7.34
N ALA A 338 -24.00 -16.20 -7.06
CA ALA A 338 -23.71 -14.99 -7.83
C ALA A 338 -22.26 -14.58 -7.68
N VAL A 339 -21.74 -14.59 -6.45
CA VAL A 339 -20.37 -14.11 -6.22
C VAL A 339 -19.37 -15.08 -6.85
N THR A 340 -19.58 -16.39 -6.72
CA THR A 340 -18.64 -17.32 -7.34
C THR A 340 -18.64 -17.16 -8.86
N ASP A 341 -19.83 -17.01 -9.46
CA ASP A 341 -19.89 -16.84 -10.90
C ASP A 341 -19.18 -15.55 -11.31
N VAL A 342 -19.39 -14.48 -10.55
CA VAL A 342 -18.77 -13.19 -10.89
C VAL A 342 -17.25 -13.28 -10.80
N ILE A 343 -16.73 -13.91 -9.73
CA ILE A 343 -15.27 -13.99 -9.59
C ILE A 343 -14.68 -14.87 -10.67
N ILE A 344 -15.37 -15.95 -11.06
CA ILE A 344 -14.86 -16.78 -12.14
C ILE A 344 -14.85 -16.02 -13.45
N LYS A 345 -15.91 -15.24 -13.72
CA LYS A 345 -15.93 -14.43 -14.92
C LYS A 345 -14.81 -13.40 -14.90
N ASN A 346 -14.56 -12.78 -13.75
CA ASN A 346 -13.48 -11.79 -13.65
C ASN A 346 -12.14 -12.44 -13.92
N ASN A 347 -11.90 -13.62 -13.36
CA ASN A 347 -10.64 -14.32 -13.61
C ASN A 347 -10.49 -14.68 -15.09
N LEU A 348 -11.57 -15.16 -15.70
CA LEU A 348 -11.52 -15.49 -17.12
C LEU A 348 -11.20 -14.24 -17.96
N LYS A 349 -11.82 -13.11 -17.62
CA LYS A 349 -11.52 -11.87 -18.34
C LYS A 349 -10.07 -11.46 -18.15
N ASP A 350 -9.55 -11.59 -16.93
CA ASP A 350 -8.15 -11.25 -16.68
C ASP A 350 -7.21 -12.13 -17.50
N CYS A 351 -7.48 -13.42 -17.56
CA CYS A 351 -6.65 -14.32 -18.36
C CYS A 351 -6.87 -14.14 -19.86
N GLY A 352 -7.88 -13.37 -20.27
CA GLY A 352 -8.11 -13.10 -21.67
C GLY A 352 -9.05 -14.06 -22.36
N LEU A 353 -9.49 -15.13 -21.69
CA LEU A 353 -10.40 -16.08 -22.30
C LEU A 353 -11.82 -15.55 -22.42
N PHE A 354 -12.13 -14.43 -21.78
CA PHE A 354 -13.47 -13.85 -21.85
C PHE A 354 -13.41 -12.34 -22.06
N LEU B 12 -38.10 39.86 7.43
CA LEU B 12 -36.81 39.31 7.95
C LEU B 12 -36.29 38.19 7.07
N ARG B 13 -36.71 38.17 5.80
CA ARG B 13 -36.29 37.13 4.87
C ARG B 13 -35.97 37.72 3.50
N GLN B 14 -35.86 39.05 3.42
CA GLN B 14 -35.53 39.71 2.16
C GLN B 14 -34.26 40.53 2.29
N GLU B 15 -33.94 40.99 3.50
CA GLU B 15 -32.79 41.87 3.67
C GLU B 15 -31.46 41.14 3.50
N ALA B 16 -31.48 39.81 3.48
CA ALA B 16 -30.22 39.06 3.35
C ALA B 16 -29.53 39.36 2.02
N GLU B 17 -30.30 39.41 0.93
CA GLU B 17 -29.69 39.72 -0.36
C GLU B 17 -29.17 41.15 -0.41
N GLN B 18 -29.88 42.09 0.23
CA GLN B 18 -29.36 43.45 0.30
C GLN B 18 -28.05 43.52 1.08
N LEU B 19 -27.97 42.80 2.20
CA LEU B 19 -26.72 42.76 2.96
C LEU B 19 -25.61 42.13 2.14
N LYS B 20 -25.92 41.07 1.40
CA LYS B 20 -24.91 40.44 0.54
C LYS B 20 -24.44 41.40 -0.54
N ASN B 21 -25.36 42.18 -1.12
CA ASN B 21 -24.99 43.18 -2.11
C ASN B 21 -24.08 44.23 -1.49
N GLN B 22 -24.39 44.66 -0.26
CA GLN B 22 -23.53 45.63 0.42
C GLN B 22 -22.15 45.06 0.66
N ILE B 23 -22.07 43.79 1.07
CA ILE B 23 -20.77 43.14 1.28
C ILE B 23 -20.00 43.07 -0.04
N ARG B 24 -20.69 42.74 -1.13
CA ARG B 24 -20.03 42.68 -2.42
C ARG B 24 -19.51 44.05 -2.83
N ASP B 25 -20.29 45.10 -2.60
CA ASP B 25 -19.82 46.45 -2.91
C ASP B 25 -18.60 46.83 -2.08
N ALA B 26 -18.62 46.48 -0.78
CA ALA B 26 -17.48 46.78 0.07
C ALA B 26 -16.23 46.04 -0.41
N ARG B 27 -16.40 44.77 -0.80
CA ARG B 27 -15.27 43.99 -1.30
C ARG B 27 -14.77 44.52 -2.63
N LYS B 28 -15.65 45.06 -3.47
CA LYS B 28 -15.25 45.66 -4.73
C LYS B 28 -14.52 46.99 -4.52
N ALA B 29 -14.88 47.73 -3.48
CA ALA B 29 -14.23 49.00 -3.21
C ALA B 29 -12.73 48.83 -2.93
N CYS B 30 -12.37 47.81 -2.18
CA CYS B 30 -10.97 47.58 -1.82
C CYS B 30 -10.17 46.92 -2.93
N ALA B 31 -10.81 46.55 -4.04
CA ALA B 31 -10.11 45.92 -5.15
C ALA B 31 -9.36 46.95 -5.99
N ASP B 32 -8.47 47.71 -5.36
CA ASP B 32 -7.74 48.74 -6.09
C ASP B 32 -6.81 48.13 -7.13
N ALA B 33 -6.14 47.03 -6.82
CA ALA B 33 -5.22 46.40 -7.75
C ALA B 33 -5.19 44.89 -7.48
N THR B 34 -4.75 44.14 -8.49
CA THR B 34 -4.64 42.70 -8.39
C THR B 34 -3.20 42.30 -8.06
N LEU B 35 -3.06 41.08 -7.51
CA LEU B 35 -1.74 40.62 -7.10
C LEU B 35 -0.82 40.45 -8.31
N SER B 36 -1.38 40.05 -9.45
CA SER B 36 -0.56 39.86 -10.65
C SER B 36 0.11 41.16 -11.08
N GLN B 37 -0.62 42.27 -11.05
CA GLN B 37 -0.06 43.55 -11.46
C GLN B 37 1.07 43.99 -10.54
N ILE B 38 0.90 43.83 -9.24
CA ILE B 38 1.91 44.28 -8.28
C ILE B 38 3.16 43.40 -8.37
N THR B 39 2.96 42.09 -8.53
CA THR B 39 4.06 41.14 -8.57
C THR B 39 4.64 40.96 -9.96
N ASN B 40 4.23 41.77 -10.94
CA ASN B 40 4.71 41.60 -12.30
C ASN B 40 6.23 41.75 -12.42
N ASN B 41 6.85 42.46 -11.48
CA ASN B 41 8.26 42.81 -11.58
C ASN B 41 9.18 41.87 -10.81
N ILE B 42 8.67 40.79 -10.22
CA ILE B 42 9.50 39.95 -9.37
C ILE B 42 10.30 38.97 -10.21
N ASP B 43 11.44 38.55 -9.67
CA ASP B 43 12.26 37.54 -10.32
C ASP B 43 11.51 36.21 -10.31
N PRO B 44 11.23 35.61 -11.48
CA PRO B 44 10.44 34.38 -11.48
C PRO B 44 11.24 33.20 -10.95
N VAL B 45 10.52 32.24 -10.36
CA VAL B 45 11.16 31.19 -9.59
C VAL B 45 12.04 30.32 -10.49
N GLY B 46 11.58 30.03 -11.70
CA GLY B 46 12.29 29.12 -12.57
C GLY B 46 11.88 27.67 -12.34
N ARG B 47 12.32 26.81 -13.25
CA ARG B 47 11.94 25.41 -13.19
C ARG B 47 12.49 24.77 -11.91
N ILE B 48 11.61 24.14 -11.14
CA ILE B 48 11.97 23.50 -9.88
C ILE B 48 11.88 22.00 -10.11
N GLN B 49 13.02 21.38 -10.42
CA GLN B 49 13.05 19.93 -10.62
C GLN B 49 13.19 19.23 -9.28
N MET B 50 12.36 18.20 -9.07
CA MET B 50 12.39 17.41 -7.86
C MET B 50 12.42 15.93 -8.23
N ARG B 51 13.16 15.16 -7.45
CA ARG B 51 13.33 13.73 -7.70
C ARG B 51 12.93 12.94 -6.46
N THR B 52 12.38 11.75 -6.69
CA THR B 52 11.92 10.90 -5.60
C THR B 52 13.11 10.35 -4.84
N ARG B 53 13.39 10.92 -3.67
CA ARG B 53 14.48 10.43 -2.83
C ARG B 53 14.12 9.11 -2.14
N ARG B 54 12.90 9.00 -1.63
CA ARG B 54 12.44 7.78 -0.98
C ARG B 54 11.05 7.42 -1.48
N THR B 55 10.81 6.12 -1.61
CA THR B 55 9.48 5.58 -1.87
C THR B 55 9.17 4.57 -0.79
N LEU B 56 8.05 4.76 -0.10
CA LEU B 56 7.68 3.95 1.06
C LEU B 56 6.64 2.93 0.63
N ARG B 57 6.92 1.65 0.90
CA ARG B 57 6.04 0.56 0.53
C ARG B 57 5.66 -0.23 1.77
N GLY B 58 4.50 -0.88 1.72
CA GLY B 58 4.00 -1.64 2.84
C GLY B 58 2.49 -1.55 2.96
N HIS B 59 1.90 -0.51 2.37
CA HIS B 59 0.46 -0.42 2.27
C HIS B 59 -0.04 -1.22 1.07
N LEU B 60 -1.21 -1.83 1.23
CA LEU B 60 -1.81 -2.65 0.18
C LEU B 60 -2.96 -1.93 -0.52
N ALA B 61 -3.88 -1.36 0.27
CA ALA B 61 -5.04 -0.68 -0.29
C ALA B 61 -4.69 0.78 -0.58
N LYS B 62 -5.73 1.55 -0.92
CA LYS B 62 -5.53 2.96 -1.26
C LYS B 62 -5.11 3.76 -0.03
N ILE B 63 -4.21 4.70 -0.23
CA ILE B 63 -3.81 5.63 0.82
C ILE B 63 -4.59 6.92 0.63
N TYR B 64 -5.25 7.39 1.70
CA TYR B 64 -6.11 8.56 1.61
C TYR B 64 -5.61 9.76 2.39
N ALA B 65 -4.76 9.58 3.39
CA ALA B 65 -4.35 10.70 4.22
C ALA B 65 -2.96 10.46 4.79
N MET B 66 -2.25 11.55 5.06
CA MET B 66 -0.96 11.51 5.72
C MET B 66 -0.71 12.85 6.38
N HIS B 67 0.21 12.86 7.34
CA HIS B 67 0.57 14.08 8.05
C HIS B 67 1.99 13.97 8.57
N TRP B 68 2.65 15.11 8.72
CA TRP B 68 4.01 15.18 9.23
C TRP B 68 4.02 15.52 10.71
N GLY B 69 4.97 14.93 11.43
CA GLY B 69 5.18 15.28 12.81
C GLY B 69 5.96 16.57 12.96
N THR B 70 5.92 17.13 14.18
CA THR B 70 6.63 18.37 14.43
C THR B 70 8.14 18.20 14.24
N ASP B 71 8.66 16.99 14.49
CA ASP B 71 10.08 16.72 14.30
C ASP B 71 10.50 16.71 12.83
N SER B 72 9.54 16.68 11.91
CA SER B 72 9.84 16.69 10.47
C SER B 72 10.57 15.43 10.02
N ARG B 73 10.47 14.36 10.79
CA ARG B 73 11.09 13.09 10.43
C ARG B 73 10.09 11.94 10.45
N LEU B 74 9.11 11.96 11.35
CA LEU B 74 8.10 10.92 11.44
C LEU B 74 6.80 11.39 10.81
N LEU B 75 6.19 10.51 10.02
CA LEU B 75 4.91 10.79 9.38
C LEU B 75 4.00 9.59 9.53
N VAL B 76 2.69 9.86 9.54
CA VAL B 76 1.67 8.83 9.65
C VAL B 76 0.88 8.81 8.35
N SER B 77 0.45 7.60 7.94
CA SER B 77 -0.31 7.42 6.71
C SER B 77 -1.44 6.45 6.97
N ALA B 78 -2.60 6.72 6.38
CA ALA B 78 -3.79 5.90 6.56
C ALA B 78 -4.18 5.24 5.24
N SER B 79 -4.70 4.02 5.32
CA SER B 79 -5.11 3.27 4.16
C SER B 79 -6.31 2.41 4.50
N GLN B 80 -6.96 1.87 3.46
CA GLN B 80 -8.12 1.00 3.67
C GLN B 80 -7.73 -0.39 4.15
N ASP B 81 -6.45 -0.64 4.41
CA ASP B 81 -6.07 -1.87 5.09
C ASP B 81 -6.53 -1.89 6.54
N GLY B 82 -7.01 -0.75 7.05
CA GLY B 82 -7.37 -0.66 8.45
C GLY B 82 -6.19 -0.48 9.36
N LYS B 83 -5.08 0.06 8.84
CA LYS B 83 -3.83 0.16 9.58
C LYS B 83 -3.18 1.51 9.33
N LEU B 84 -2.65 2.09 10.41
CA LEU B 84 -1.85 3.31 10.32
C LEU B 84 -0.38 2.95 10.56
N ILE B 85 0.48 3.40 9.66
CA ILE B 85 1.91 3.10 9.73
C ILE B 85 2.67 4.39 10.00
N ILE B 86 3.45 4.39 11.07
CA ILE B 86 4.32 5.51 11.41
C ILE B 86 5.64 5.29 10.69
N TRP B 87 6.01 6.23 9.82
CA TRP B 87 7.12 6.07 8.90
C TRP B 87 8.29 6.93 9.35
N ASP B 88 9.49 6.33 9.36
CA ASP B 88 10.73 7.08 9.55
C ASP B 88 11.25 7.48 8.17
N SER B 89 11.03 8.73 7.79
CA SER B 89 11.36 9.17 6.43
C SER B 89 12.85 9.04 6.15
N TYR B 90 13.71 9.28 7.15
CA TYR B 90 15.14 9.26 6.91
C TYR B 90 15.61 7.88 6.50
N THR B 91 15.10 6.83 7.15
CA THR B 91 15.56 5.47 6.91
C THR B 91 14.50 4.55 6.31
N THR B 92 13.31 5.05 6.02
CA THR B 92 12.24 4.25 5.41
C THR B 92 11.76 3.14 6.33
N ASN B 93 12.13 3.20 7.62
CA ASN B 93 11.72 2.18 8.56
C ASN B 93 10.29 2.41 9.03
N LYS B 94 9.66 1.34 9.52
CA LYS B 94 8.32 1.40 10.09
C LYS B 94 8.45 1.40 11.61
N VAL B 95 7.83 2.37 12.27
CA VAL B 95 7.95 2.51 13.71
C VAL B 95 6.79 1.83 14.43
N HIS B 96 5.56 2.04 13.97
CA HIS B 96 4.40 1.36 14.54
C HIS B 96 3.45 0.97 13.43
N ALA B 97 2.62 -0.04 13.72
CA ALA B 97 1.52 -0.46 12.85
C ALA B 97 0.27 -0.58 13.71
N ILE B 98 -0.62 0.39 13.61
CA ILE B 98 -1.79 0.49 14.47
C ILE B 98 -2.97 -0.16 13.75
N PRO B 99 -3.50 -1.28 14.24
CA PRO B 99 -4.67 -1.89 13.59
C PRO B 99 -5.94 -1.16 13.98
N LEU B 100 -6.60 -0.55 12.99
CA LEU B 100 -7.80 0.22 13.24
C LEU B 100 -9.01 -0.70 13.46
N ARG B 101 -9.96 -0.21 14.26
CA ARG B 101 -11.17 -0.98 14.51
C ARG B 101 -12.08 -1.01 13.28
N SER B 102 -12.20 0.12 12.59
CA SER B 102 -12.97 0.20 11.35
C SER B 102 -12.02 0.55 10.21
N SER B 103 -12.05 -0.27 9.15
CA SER B 103 -11.10 -0.09 8.05
C SER B 103 -11.39 1.15 7.21
N TRP B 104 -12.60 1.70 7.31
CA TRP B 104 -13.01 2.82 6.46
C TRP B 104 -12.52 4.16 7.04
N VAL B 105 -11.22 4.39 6.90
CA VAL B 105 -10.61 5.64 7.35
C VAL B 105 -10.50 6.60 6.18
N MET B 106 -10.66 7.89 6.46
CA MET B 106 -10.52 8.92 5.45
C MET B 106 -9.57 10.06 5.86
N THR B 107 -9.21 10.17 7.13
CA THR B 107 -8.33 11.24 7.58
C THR B 107 -7.47 10.73 8.72
N CYS B 108 -6.31 11.37 8.90
CA CYS B 108 -5.43 11.07 10.01
C CYS B 108 -4.65 12.34 10.36
N ALA B 109 -4.16 12.38 11.60
CA ALA B 109 -3.43 13.54 12.08
C ALA B 109 -2.36 13.09 13.06
N TYR B 110 -1.33 13.92 13.20
CA TYR B 110 -0.22 13.68 14.12
C TYR B 110 -0.17 14.83 15.11
N ALA B 111 -0.19 14.50 16.39
CA ALA B 111 -0.22 15.54 17.41
C ALA B 111 1.07 16.37 17.36
N PRO B 112 0.99 17.66 17.68
CA PRO B 112 2.21 18.49 17.65
C PRO B 112 3.30 17.98 18.57
N SER B 113 2.94 17.41 19.72
CA SER B 113 3.94 16.83 20.62
C SER B 113 4.37 15.44 20.18
N GLY B 114 3.65 14.82 19.26
CA GLY B 114 3.99 13.49 18.79
C GLY B 114 3.51 12.36 19.67
N ASN B 115 2.83 12.66 20.78
CA ASN B 115 2.38 11.61 21.69
C ASN B 115 1.16 10.88 21.16
N TYR B 116 0.31 11.54 20.40
CA TYR B 116 -0.99 11.00 20.01
C TYR B 116 -1.15 11.03 18.51
N VAL B 117 -1.97 10.11 18.00
CA VAL B 117 -2.35 10.03 16.60
C VAL B 117 -3.86 9.86 16.52
N ALA B 118 -4.47 10.57 15.57
CA ALA B 118 -5.92 10.54 15.38
C ALA B 118 -6.25 10.12 13.95
N CYS B 119 -7.44 9.57 13.77
CA CYS B 119 -7.91 9.15 12.46
C CYS B 119 -9.42 8.93 12.51
N GLY B 120 -10.00 8.77 11.33
CA GLY B 120 -11.43 8.52 11.23
C GLY B 120 -11.84 8.46 9.78
N GLY B 121 -13.14 8.31 9.56
CA GLY B 121 -13.68 8.22 8.22
C GLY B 121 -15.18 7.98 8.18
N LEU B 122 -15.61 7.05 7.33
CA LEU B 122 -17.04 6.75 7.20
C LEU B 122 -17.66 6.33 8.53
N ASP B 123 -16.87 5.76 9.44
CA ASP B 123 -17.32 5.51 10.80
C ASP B 123 -17.12 6.81 11.59
N ASN B 124 -18.23 7.38 12.07
CA ASN B 124 -18.19 8.74 12.60
C ASN B 124 -17.31 8.87 13.84
N ILE B 125 -16.95 7.76 14.48
CA ILE B 125 -16.13 7.83 15.68
C ILE B 125 -14.72 8.27 15.32
N CYS B 126 -14.21 9.26 16.06
CA CYS B 126 -12.83 9.70 15.94
C CYS B 126 -12.03 9.05 17.06
N SER B 127 -10.99 8.30 16.70
CA SER B 127 -10.19 7.53 17.63
C SER B 127 -8.85 8.22 17.86
N ILE B 128 -8.49 8.42 19.12
CA ILE B 128 -7.21 8.99 19.50
C ILE B 128 -6.33 7.86 20.01
N TYR B 129 -5.15 7.70 19.41
CA TYR B 129 -4.22 6.63 19.74
C TYR B 129 -3.03 7.20 20.50
N ASN B 130 -2.64 6.53 21.58
CA ASN B 130 -1.52 6.95 22.42
C ASN B 130 -0.29 6.16 22.01
N LEU B 131 0.74 6.87 21.54
CA LEU B 131 1.97 6.20 21.12
C LEU B 131 2.89 5.91 22.29
N LYS B 132 3.03 6.86 23.22
CA LYS B 132 3.94 6.71 24.35
C LYS B 132 3.27 5.92 25.47
N THR B 133 3.07 4.64 25.20
CA THR B 133 2.45 3.72 26.15
C THR B 133 3.53 2.95 26.89
N ARG B 134 3.42 2.89 28.22
CA ARG B 134 4.43 2.18 29.01
C ARG B 134 4.47 0.71 28.67
N GLU B 135 3.32 0.12 28.32
CA GLU B 135 3.26 -1.29 27.95
C GLU B 135 3.79 -1.56 26.55
N GLY B 136 4.14 -0.54 25.79
CA GLY B 136 4.75 -0.68 24.47
C GLY B 136 3.80 -0.62 23.30
N ASN B 137 2.70 -1.36 23.35
CA ASN B 137 1.77 -1.42 22.25
C ASN B 137 0.85 -0.20 22.25
N VAL B 138 0.46 0.24 21.06
CA VAL B 138 -0.41 1.38 20.91
C VAL B 138 -1.86 0.95 21.14
N ARG B 139 -2.63 1.80 21.82
CA ARG B 139 -4.03 1.52 22.10
C ARG B 139 -4.83 2.82 22.00
N VAL B 140 -6.12 2.68 21.76
CA VAL B 140 -7.00 3.84 21.65
C VAL B 140 -7.06 4.53 23.00
N SER B 141 -6.74 5.82 23.03
CA SER B 141 -6.91 6.62 24.23
C SER B 141 -8.38 6.96 24.48
N ARG B 142 -9.10 7.33 23.41
CA ARG B 142 -10.52 7.63 23.50
C ARG B 142 -11.14 7.43 22.12
N GLU B 143 -12.48 7.37 22.11
CA GLU B 143 -13.25 7.20 20.88
C GLU B 143 -14.33 8.29 20.87
N LEU B 144 -13.98 9.46 20.34
CA LEU B 144 -14.92 10.56 20.29
C LEU B 144 -16.06 10.24 19.33
N ALA B 145 -17.29 10.57 19.73
CA ALA B 145 -18.47 10.33 18.92
C ALA B 145 -19.46 11.47 19.11
N GLY B 146 -20.36 11.62 18.14
CA GLY B 146 -21.35 12.68 18.19
C GLY B 146 -21.67 13.25 16.83
N HIS B 147 -20.80 13.01 15.85
CA HIS B 147 -21.05 13.48 14.49
C HIS B 147 -22.06 12.56 13.81
N THR B 148 -23.08 13.18 13.20
CA THR B 148 -24.11 12.40 12.53
C THR B 148 -23.61 11.82 11.22
N GLY B 149 -22.75 12.55 10.51
CA GLY B 149 -22.25 12.10 9.22
C GLY B 149 -20.81 11.63 9.29
N TYR B 150 -20.28 11.21 8.15
CA TYR B 150 -18.91 10.70 8.12
C TYR B 150 -17.92 11.79 8.50
N LEU B 151 -16.82 11.37 9.12
CA LEU B 151 -15.77 12.28 9.56
C LEU B 151 -14.85 12.58 8.38
N SER B 152 -14.58 13.87 8.17
CA SER B 152 -13.86 14.33 6.99
C SER B 152 -12.40 14.69 7.26
N CYS B 153 -12.12 15.55 8.22
CA CYS B 153 -10.77 15.98 8.50
C CYS B 153 -10.58 16.15 10.00
N CYS B 154 -9.34 16.00 10.45
CA CYS B 154 -8.99 16.09 11.87
C CYS B 154 -7.62 16.74 12.01
N ARG B 155 -7.50 17.65 12.97
CA ARG B 155 -6.24 18.32 13.25
C ARG B 155 -6.14 18.62 14.74
N PHE B 156 -4.93 18.49 15.27
CA PHE B 156 -4.69 18.72 16.70
C PHE B 156 -4.34 20.17 16.96
N LEU B 157 -4.88 20.70 18.06
CA LEU B 157 -4.45 21.99 18.61
C LEU B 157 -3.45 21.82 19.73
N ASP B 158 -3.64 20.83 20.58
CA ASP B 158 -2.68 20.46 21.61
C ASP B 158 -2.93 19.01 21.98
N ASP B 159 -2.33 18.56 23.09
CA ASP B 159 -2.49 17.19 23.53
C ASP B 159 -3.89 16.90 24.03
N ASN B 160 -4.73 17.92 24.24
CA ASN B 160 -6.05 17.73 24.80
C ASN B 160 -7.19 18.20 23.89
N GLN B 161 -6.93 19.12 22.96
CA GLN B 161 -7.97 19.69 22.12
C GLN B 161 -7.75 19.26 20.67
N ILE B 162 -8.81 18.80 20.03
CA ILE B 162 -8.79 18.40 18.62
C ILE B 162 -10.02 18.96 17.93
N VAL B 163 -9.83 19.50 16.73
CA VAL B 163 -10.90 20.07 15.91
C VAL B 163 -11.20 19.11 14.78
N THR B 164 -12.48 18.86 14.53
CA THR B 164 -12.92 17.87 13.57
C THR B 164 -14.00 18.45 12.66
N SER B 165 -14.08 17.90 11.45
CA SER B 165 -15.11 18.24 10.49
C SER B 165 -15.76 16.97 9.98
N SER B 166 -17.04 17.05 9.64
CA SER B 166 -17.80 15.88 9.24
C SER B 166 -18.82 16.28 8.19
N GLY B 167 -19.54 15.28 7.68
CA GLY B 167 -20.59 15.50 6.71
C GLY B 167 -21.87 16.08 7.27
N ASP B 168 -21.94 16.30 8.58
CA ASP B 168 -23.09 16.93 9.19
C ASP B 168 -23.21 18.41 8.89
N THR B 169 -22.29 18.97 8.11
CA THR B 169 -22.21 20.41 7.82
C THR B 169 -21.74 21.20 9.02
N THR B 170 -21.12 20.55 10.01
CA THR B 170 -20.70 21.21 11.24
C THR B 170 -19.28 20.78 11.60
N CYS B 171 -18.55 21.70 12.22
CA CYS B 171 -17.23 21.43 12.76
C CYS B 171 -17.28 21.58 14.28
N ALA B 172 -16.62 20.66 14.97
CA ALA B 172 -16.69 20.60 16.43
C ALA B 172 -15.29 20.63 17.02
N LEU B 173 -15.17 21.29 18.17
CA LEU B 173 -13.95 21.31 18.96
C LEU B 173 -14.15 20.39 20.16
N TRP B 174 -13.26 19.41 20.30
CA TRP B 174 -13.39 18.38 21.32
C TRP B 174 -12.35 18.58 22.41
N ASP B 175 -12.77 18.34 23.65
CA ASP B 175 -11.87 18.28 24.80
C ASP B 175 -11.60 16.81 25.10
N ILE B 176 -10.37 16.37 24.81
CA ILE B 176 -10.06 14.94 24.89
C ILE B 176 -10.22 14.43 26.32
N GLU B 177 -9.75 15.20 27.30
CA GLU B 177 -9.75 14.71 28.68
C GLU B 177 -11.15 14.32 29.13
N THR B 178 -12.15 15.13 28.78
CA THR B 178 -13.53 14.81 29.14
C THR B 178 -14.26 14.02 28.06
N GLY B 179 -13.73 14.00 26.84
CA GLY B 179 -14.36 13.24 25.77
C GLY B 179 -15.72 13.75 25.35
N GLN B 180 -15.89 15.08 25.26
CA GLN B 180 -17.14 15.66 24.82
C GLN B 180 -16.85 16.94 24.06
N GLN B 181 -17.81 17.35 23.23
CA GLN B 181 -17.63 18.54 22.41
C GLN B 181 -17.62 19.79 23.27
N THR B 182 -16.63 20.64 23.05
CA THR B 182 -16.57 21.95 23.71
C THR B 182 -17.29 23.03 22.91
N THR B 183 -17.33 22.89 21.59
CA THR B 183 -18.03 23.84 20.73
C THR B 183 -18.46 23.11 19.47
N THR B 184 -19.58 23.58 18.88
CA THR B 184 -20.14 22.96 17.67
C THR B 184 -20.32 24.07 16.63
N PHE B 185 -19.31 24.23 15.78
CA PHE B 185 -19.37 25.22 14.71
C PHE B 185 -20.39 24.80 13.67
N THR B 186 -21.30 25.71 13.32
CA THR B 186 -22.37 25.44 12.37
C THR B 186 -22.56 26.65 11.47
N GLY B 187 -23.10 26.40 10.27
CA GLY B 187 -23.36 27.46 9.32
C GLY B 187 -23.12 27.05 7.88
N HIS B 188 -22.34 25.99 7.68
CA HIS B 188 -22.09 25.51 6.33
C HIS B 188 -23.33 24.84 5.75
N THR B 189 -23.55 25.07 4.46
CA THR B 189 -24.70 24.50 3.76
C THR B 189 -24.42 23.14 3.15
N GLY B 190 -23.16 22.73 3.06
CA GLY B 190 -22.80 21.46 2.47
C GLY B 190 -21.77 20.73 3.31
N ASP B 191 -21.43 19.53 2.88
CA ASP B 191 -20.48 18.70 3.62
C ASP B 191 -19.13 19.41 3.69
N VAL B 192 -18.55 19.42 4.90
CA VAL B 192 -17.24 20.00 5.11
C VAL B 192 -16.18 18.99 4.65
N MET B 193 -15.29 19.42 3.75
CA MET B 193 -14.34 18.51 3.12
C MET B 193 -12.96 18.53 3.76
N SER B 194 -12.50 19.67 4.25
CA SER B 194 -11.14 19.76 4.76
C SER B 194 -11.06 20.84 5.83
N LEU B 195 -9.97 20.80 6.60
CA LEU B 195 -9.70 21.76 7.66
C LEU B 195 -8.24 22.19 7.60
N SER B 196 -7.96 23.36 8.17
CA SER B 196 -6.60 23.86 8.31
C SER B 196 -6.53 24.77 9.52
N LEU B 197 -5.49 24.59 10.33
CA LEU B 197 -5.29 25.36 11.55
C LEU B 197 -4.27 26.45 11.30
N ALA B 198 -4.57 27.66 11.78
CA ALA B 198 -3.66 28.78 11.61
C ALA B 198 -2.39 28.56 12.45
N PRO B 199 -1.29 29.21 12.07
CA PRO B 199 -0.05 29.02 12.84
C PRO B 199 -0.18 29.35 14.31
N ASP B 200 -0.97 30.37 14.66
CA ASP B 200 -1.16 30.76 16.05
C ASP B 200 -2.21 29.92 16.76
N THR B 201 -2.95 29.09 16.04
CA THR B 201 -4.00 28.22 16.58
C THR B 201 -5.22 29.00 17.04
N ARG B 202 -5.21 30.32 16.88
CA ARG B 202 -6.36 31.13 17.29
C ARG B 202 -7.55 30.93 16.35
N LEU B 203 -7.29 30.74 15.06
CA LEU B 203 -8.34 30.65 14.06
C LEU B 203 -8.09 29.43 13.16
N PHE B 204 -9.17 28.93 12.57
CA PHE B 204 -9.09 27.87 11.59
C PHE B 204 -10.14 28.12 10.51
N VAL B 205 -9.88 27.59 9.32
CA VAL B 205 -10.71 27.82 8.15
C VAL B 205 -11.10 26.46 7.57
N SER B 206 -12.38 26.32 7.21
CA SER B 206 -12.92 25.07 6.70
C SER B 206 -13.57 25.30 5.35
N GLY B 207 -13.41 24.33 4.45
CA GLY B 207 -14.05 24.35 3.14
C GLY B 207 -15.09 23.23 3.07
N ALA B 208 -16.17 23.51 2.35
CA ALA B 208 -17.29 22.57 2.27
C ALA B 208 -17.76 22.46 0.83
N CYS B 209 -18.73 21.55 0.62
CA CYS B 209 -19.31 21.31 -0.70
C CYS B 209 -20.18 22.45 -1.18
N ASP B 210 -20.50 23.42 -0.32
CA ASP B 210 -21.29 24.58 -0.73
C ASP B 210 -20.49 25.61 -1.52
N ALA B 211 -19.27 25.26 -1.94
CA ALA B 211 -18.41 26.14 -2.73
C ALA B 211 -18.04 27.41 -1.99
N SER B 212 -18.00 27.35 -0.66
CA SER B 212 -17.64 28.49 0.17
C SER B 212 -16.65 28.06 1.25
N ALA B 213 -15.76 28.97 1.59
CA ALA B 213 -14.79 28.77 2.66
C ALA B 213 -15.07 29.75 3.79
N LYS B 214 -15.16 29.23 5.02
CA LYS B 214 -15.52 30.02 6.18
C LYS B 214 -14.37 30.05 7.18
N LEU B 215 -14.17 31.21 7.79
CA LEU B 215 -13.16 31.40 8.82
C LEU B 215 -13.85 31.40 10.18
N TRP B 216 -13.33 30.61 11.11
CA TRP B 216 -13.93 30.43 12.42
C TRP B 216 -12.96 30.84 13.52
N ASP B 217 -13.52 31.22 14.66
CA ASP B 217 -12.75 31.52 15.86
C ASP B 217 -12.93 30.37 16.84
N VAL B 218 -11.82 29.79 17.28
CA VAL B 218 -11.88 28.61 18.14
C VAL B 218 -12.53 28.94 19.48
N ARG B 219 -12.23 30.11 20.04
CA ARG B 219 -12.71 30.47 21.37
C ARG B 219 -14.05 31.19 21.34
N GLU B 220 -14.30 32.04 20.35
CA GLU B 220 -15.58 32.72 20.26
C GLU B 220 -16.70 31.82 19.75
N GLY B 221 -16.42 30.94 18.79
CA GLY B 221 -17.36 29.93 18.37
C GLY B 221 -18.36 30.34 17.32
N MET B 222 -18.08 31.40 16.55
CA MET B 222 -18.96 31.79 15.46
C MET B 222 -18.11 32.12 14.24
N CYS B 223 -18.73 32.00 13.06
CA CYS B 223 -18.03 32.29 11.82
C CYS B 223 -17.71 33.77 11.73
N ARG B 224 -16.44 34.09 11.44
CA ARG B 224 -16.04 35.48 11.32
C ARG B 224 -16.15 35.97 9.87
N GLN B 225 -15.85 35.09 8.92
CA GLN B 225 -15.81 35.48 7.51
C GLN B 225 -16.13 34.29 6.65
N THR B 226 -16.76 34.54 5.50
CA THR B 226 -17.06 33.50 4.52
C THR B 226 -16.57 33.97 3.15
N PHE B 227 -15.99 33.04 2.40
CA PHE B 227 -15.41 33.33 1.09
C PHE B 227 -16.10 32.48 0.03
N THR B 228 -16.16 33.01 -1.19
CA THR B 228 -16.78 32.31 -2.31
C THR B 228 -16.03 32.63 -3.58
N GLY B 229 -16.36 31.91 -4.65
CA GLY B 229 -15.71 32.10 -5.93
C GLY B 229 -15.52 30.81 -6.68
N HIS B 230 -15.53 29.69 -5.96
CA HIS B 230 -15.46 28.38 -6.61
C HIS B 230 -16.84 27.98 -7.13
N GLU B 231 -16.84 27.27 -8.27
CA GLU B 231 -18.07 26.82 -8.88
C GLU B 231 -18.42 25.38 -8.52
N SER B 232 -17.64 24.71 -7.68
CA SER B 232 -17.92 23.34 -7.28
C SER B 232 -17.41 23.14 -5.86
N ASP B 233 -17.30 21.87 -5.46
CA ASP B 233 -16.93 21.53 -4.09
C ASP B 233 -15.48 21.89 -3.82
N ILE B 234 -15.22 22.40 -2.62
CA ILE B 234 -13.85 22.71 -2.18
C ILE B 234 -13.34 21.48 -1.45
N ASN B 235 -12.34 20.81 -2.01
CA ASN B 235 -11.85 19.55 -1.47
C ASN B 235 -10.58 19.70 -0.64
N ALA B 236 -9.86 20.80 -0.77
CA ALA B 236 -8.62 21.00 -0.03
C ALA B 236 -8.48 22.46 0.36
N ILE B 237 -7.70 22.71 1.41
CA ILE B 237 -7.51 24.05 1.93
C ILE B 237 -6.29 24.06 2.84
N CYS B 238 -5.59 25.18 2.86
CA CYS B 238 -4.37 25.30 3.67
C CYS B 238 -4.04 26.78 3.87
N PHE B 239 -3.46 27.09 5.02
CA PHE B 239 -3.08 28.46 5.34
C PHE B 239 -1.74 28.83 4.72
N PHE B 240 -1.54 30.12 4.50
CA PHE B 240 -0.21 30.64 4.27
C PHE B 240 0.55 30.58 5.61
N PRO B 241 1.86 30.29 5.58
CA PRO B 241 2.55 30.10 6.87
C PRO B 241 2.58 31.35 7.74
N ASN B 242 2.30 32.52 7.17
CA ASN B 242 2.17 33.74 7.96
C ASN B 242 0.80 33.89 8.61
N GLY B 243 -0.18 33.09 8.20
CA GLY B 243 -1.51 33.13 8.80
C GLY B 243 -2.43 34.20 8.27
N ASN B 244 -2.01 34.98 7.28
CA ASN B 244 -2.86 36.04 6.73
C ASN B 244 -3.69 35.60 5.54
N ALA B 245 -3.25 34.60 4.79
CA ALA B 245 -3.93 34.14 3.60
C ALA B 245 -3.99 32.62 3.59
N PHE B 246 -4.94 32.09 2.80
CA PHE B 246 -5.09 30.65 2.66
C PHE B 246 -5.51 30.33 1.24
N ALA B 247 -5.20 29.11 0.81
CA ALA B 247 -5.53 28.64 -0.53
C ALA B 247 -6.56 27.52 -0.45
N THR B 248 -7.34 27.37 -1.52
CA THR B 248 -8.40 26.37 -1.58
C THR B 248 -8.34 25.64 -2.91
N GLY B 249 -8.62 24.33 -2.87
CA GLY B 249 -8.69 23.52 -4.06
C GLY B 249 -10.09 22.99 -4.27
N SER B 250 -10.50 22.91 -5.53
CA SER B 250 -11.84 22.49 -5.90
C SER B 250 -11.78 21.57 -7.12
N ASP B 251 -12.91 20.94 -7.42
CA ASP B 251 -13.02 20.05 -8.57
C ASP B 251 -12.97 20.79 -9.90
N ASP B 252 -13.03 22.12 -9.88
CA ASP B 252 -12.97 22.93 -11.09
C ASP B 252 -11.56 23.07 -11.64
N ALA B 253 -10.59 22.34 -11.08
CA ALA B 253 -9.18 22.42 -11.47
C ALA B 253 -8.56 23.78 -11.16
N THR B 254 -9.19 24.56 -10.28
CA THR B 254 -8.75 25.91 -9.98
C THR B 254 -8.35 26.03 -8.52
N CYS B 255 -7.14 26.52 -8.27
CA CYS B 255 -6.71 26.89 -6.94
C CYS B 255 -6.89 28.40 -6.75
N ARG B 256 -7.43 28.78 -5.60
CA ARG B 256 -7.75 30.16 -5.33
C ARG B 256 -7.10 30.58 -4.01
N LEU B 257 -6.48 31.76 -4.02
CA LEU B 257 -5.80 32.30 -2.86
C LEU B 257 -6.67 33.39 -2.25
N PHE B 258 -6.94 33.26 -0.95
CA PHE B 258 -7.78 34.18 -0.22
C PHE B 258 -6.99 34.83 0.91
N ASP B 259 -7.23 36.13 1.11
CA ASP B 259 -6.64 36.88 2.21
C ASP B 259 -7.72 37.28 3.19
N LEU B 260 -7.49 37.00 4.48
CA LEU B 260 -8.51 37.28 5.49
C LEU B 260 -8.69 38.79 5.70
N ARG B 261 -7.60 39.55 5.78
CA ARG B 261 -7.70 40.98 5.98
C ARG B 261 -8.36 41.68 4.81
N ALA B 262 -7.99 41.31 3.58
CA ALA B 262 -8.60 41.93 2.41
C ALA B 262 -10.01 41.40 2.13
N ASP B 263 -10.31 40.18 2.56
CA ASP B 263 -11.62 39.56 2.33
C ASP B 263 -11.94 39.51 0.84
N GLN B 264 -10.94 39.24 0.02
CA GLN B 264 -11.14 39.19 -1.43
C GLN B 264 -10.25 38.12 -2.03
N GLU B 265 -10.75 37.53 -3.12
CA GLU B 265 -9.95 36.58 -3.88
C GLU B 265 -8.81 37.30 -4.58
N LEU B 266 -7.63 36.69 -4.55
CA LEU B 266 -6.42 37.31 -5.08
C LEU B 266 -5.99 36.75 -6.43
N MET B 267 -5.89 35.43 -6.56
CA MET B 267 -5.42 34.81 -7.79
C MET B 267 -6.19 33.53 -8.06
N THR B 268 -6.20 33.13 -9.32
CA THR B 268 -6.75 31.84 -9.75
C THR B 268 -5.65 31.09 -10.48
N TYR B 269 -5.31 29.90 -9.98
CA TYR B 269 -4.25 29.08 -10.56
C TYR B 269 -4.91 27.93 -11.31
N SER B 270 -5.00 28.06 -12.63
CA SER B 270 -5.57 27.03 -13.48
C SER B 270 -4.98 27.14 -14.87
N HIS B 271 -5.01 26.03 -15.59
CA HIS B 271 -4.48 25.98 -16.95
C HIS B 271 -5.50 25.30 -17.85
N ASP B 272 -5.54 25.72 -19.12
CA ASP B 272 -6.53 25.19 -20.04
C ASP B 272 -6.42 23.68 -20.21
N ASN B 273 -5.22 23.12 -20.05
CA ASN B 273 -5.03 21.68 -20.23
C ASN B 273 -5.44 20.86 -19.01
N ILE B 274 -5.81 21.51 -17.90
CA ILE B 274 -6.19 20.82 -16.67
C ILE B 274 -7.70 20.80 -16.59
N ILE B 275 -8.28 19.61 -16.56
CA ILE B 275 -9.72 19.44 -16.35
C ILE B 275 -10.04 18.65 -15.10
N CYS B 276 -9.06 17.98 -14.49
CA CYS B 276 -9.30 17.14 -13.33
C CYS B 276 -9.54 17.99 -12.09
N GLY B 277 -10.07 17.34 -11.04
CA GLY B 277 -10.24 17.99 -9.77
C GLY B 277 -8.96 18.02 -8.96
N ILE B 278 -9.03 18.65 -7.80
CA ILE B 278 -7.90 18.82 -6.90
C ILE B 278 -8.24 18.17 -5.58
N THR B 279 -7.34 17.31 -5.08
CA THR B 279 -7.59 16.55 -3.86
C THR B 279 -6.78 17.05 -2.67
N SER B 280 -5.63 17.68 -2.89
CA SER B 280 -4.79 18.14 -1.79
C SER B 280 -4.09 19.43 -2.20
N VAL B 281 -3.81 20.27 -1.20
CA VAL B 281 -3.10 21.52 -1.40
C VAL B 281 -2.17 21.74 -0.21
N SER B 282 -0.99 22.28 -0.48
CA SER B 282 -0.02 22.55 0.57
C SER B 282 0.89 23.68 0.11
N PHE B 283 1.56 24.30 1.08
CA PHE B 283 2.43 25.44 0.84
C PHE B 283 3.86 25.10 1.23
N SER B 284 4.81 25.75 0.56
CA SER B 284 6.19 25.71 1.00
C SER B 284 6.37 26.65 2.19
N LYS B 285 7.49 26.45 2.90
CA LYS B 285 7.72 27.24 4.11
C LYS B 285 7.79 28.73 3.80
N SER B 286 8.49 29.11 2.73
CA SER B 286 8.56 30.51 2.34
C SER B 286 7.25 30.99 1.73
N GLY B 287 6.42 30.08 1.23
CA GLY B 287 5.17 30.44 0.62
C GLY B 287 5.23 30.74 -0.86
N ARG B 288 6.43 30.79 -1.44
CA ARG B 288 6.56 31.04 -2.87
C ARG B 288 5.93 29.92 -3.69
N LEU B 289 6.12 28.68 -3.26
CA LEU B 289 5.68 27.51 -4.00
C LEU B 289 4.36 26.99 -3.44
N LEU B 290 3.37 26.85 -4.31
CA LEU B 290 2.10 26.20 -3.98
C LEU B 290 2.07 24.83 -4.62
N LEU B 291 1.89 23.80 -3.81
CA LEU B 291 1.83 22.42 -4.28
C LEU B 291 0.43 21.89 -4.12
N ALA B 292 -0.18 21.47 -5.22
CA ALA B 292 -1.53 20.94 -5.23
C ALA B 292 -1.54 19.59 -5.93
N GLY B 293 -2.13 18.59 -5.27
CA GLY B 293 -2.22 17.25 -5.83
C GLY B 293 -3.45 17.11 -6.69
N TYR B 294 -3.24 17.02 -7.99
CA TYR B 294 -4.30 16.86 -8.96
C TYR B 294 -4.59 15.38 -9.20
N ASP B 295 -5.76 15.12 -9.78
CA ASP B 295 -6.21 13.75 -9.98
C ASP B 295 -5.64 13.11 -11.24
N ASP B 296 -4.90 13.85 -12.05
CA ASP B 296 -4.32 13.31 -13.28
C ASP B 296 -2.93 12.71 -13.06
N PHE B 297 -2.83 11.86 -12.04
CA PHE B 297 -1.68 10.99 -11.83
C PHE B 297 -0.41 11.75 -11.45
N ASN B 298 -0.50 13.05 -11.19
CA ASN B 298 0.67 13.84 -10.87
C ASN B 298 0.28 15.05 -10.04
N CYS B 299 1.29 15.67 -9.43
CA CYS B 299 1.12 16.88 -8.63
C CYS B 299 1.80 18.05 -9.33
N ASN B 300 1.22 19.23 -9.20
CA ASN B 300 1.71 20.43 -9.88
C ASN B 300 2.30 21.40 -8.87
N VAL B 301 3.35 22.10 -9.27
CA VAL B 301 3.99 23.13 -8.45
C VAL B 301 3.64 24.48 -9.06
N TRP B 302 2.99 25.33 -8.27
CA TRP B 302 2.54 26.65 -8.72
C TRP B 302 3.26 27.72 -7.92
N ASP B 303 3.64 28.80 -8.60
CA ASP B 303 4.24 29.95 -7.92
C ASP B 303 3.12 30.81 -7.35
N ALA B 304 3.05 30.91 -6.01
CA ALA B 304 1.97 31.62 -5.36
C ALA B 304 1.93 33.11 -5.70
N LEU B 305 3.02 33.67 -6.21
CA LEU B 305 3.08 35.10 -6.53
C LEU B 305 3.05 35.40 -8.02
N LYS B 306 3.41 34.42 -8.87
CA LYS B 306 3.37 34.61 -10.31
C LYS B 306 2.19 33.90 -10.98
N ALA B 307 1.60 32.90 -10.32
CA ALA B 307 0.51 32.08 -10.86
C ALA B 307 0.98 31.18 -11.99
N ASP B 308 2.27 31.19 -12.33
CA ASP B 308 2.79 30.36 -13.40
C ASP B 308 3.26 29.01 -12.84
N ARG B 309 3.09 27.97 -13.63
CA ARG B 309 3.53 26.63 -13.24
C ARG B 309 5.06 26.56 -13.27
N ALA B 310 5.64 25.94 -12.24
CA ALA B 310 7.08 25.85 -12.10
C ALA B 310 7.63 24.44 -12.21
N GLY B 311 6.78 23.42 -12.08
CA GLY B 311 7.25 22.05 -12.17
C GLY B 311 6.11 21.09 -11.99
N VAL B 312 6.41 19.81 -12.26
CA VAL B 312 5.43 18.74 -12.16
C VAL B 312 6.08 17.57 -11.41
N LEU B 313 5.42 17.09 -10.35
CA LEU B 313 5.88 15.93 -9.60
C LEU B 313 5.08 14.71 -10.06
N ALA B 314 5.43 14.23 -11.25
CA ALA B 314 4.73 13.09 -11.85
C ALA B 314 5.47 11.80 -11.52
N GLY B 315 5.01 11.11 -10.48
CA GLY B 315 5.61 9.86 -10.07
C GLY B 315 4.61 8.85 -9.56
N HIS B 316 3.32 9.10 -9.78
CA HIS B 316 2.25 8.25 -9.27
C HIS B 316 1.46 7.65 -10.43
N ASP B 317 0.71 6.59 -10.12
CA ASP B 317 0.05 5.80 -11.16
C ASP B 317 -1.47 5.80 -11.05
N ASN B 318 -2.03 6.00 -9.86
CA ASN B 318 -3.49 5.90 -9.71
C ASN B 318 -4.13 7.25 -9.42
N ARG B 319 -3.73 7.91 -8.33
CA ARG B 319 -4.31 9.19 -7.98
C ARG B 319 -3.55 9.85 -6.83
N VAL B 320 -3.17 11.12 -6.99
CA VAL B 320 -2.54 11.86 -5.90
C VAL B 320 -3.63 12.19 -4.87
N SER B 321 -3.60 11.50 -3.73
CA SER B 321 -4.67 11.61 -2.75
C SER B 321 -4.34 12.52 -1.58
N CYS B 322 -3.08 12.58 -1.16
CA CYS B 322 -2.69 13.41 -0.03
C CYS B 322 -1.33 14.03 -0.32
N LEU B 323 -1.04 15.14 0.33
CA LEU B 323 0.18 15.89 0.10
C LEU B 323 0.53 16.67 1.36
N GLY B 324 1.81 16.69 1.71
CA GLY B 324 2.26 17.42 2.87
C GLY B 324 3.71 17.86 2.78
N VAL B 325 4.02 19.01 3.37
CA VAL B 325 5.38 19.55 3.38
C VAL B 325 5.88 19.55 4.81
N THR B 326 7.14 19.17 5.00
CA THR B 326 7.72 19.15 6.34
C THR B 326 7.73 20.55 6.94
N ASP B 327 7.57 20.62 8.26
CA ASP B 327 7.54 21.90 8.94
C ASP B 327 8.81 22.71 8.70
N ASP B 328 9.94 22.05 8.43
CA ASP B 328 11.17 22.72 8.06
C ASP B 328 11.26 23.00 6.57
N GLY B 329 10.35 22.45 5.77
CA GLY B 329 10.36 22.64 4.34
C GLY B 329 11.39 21.83 3.59
N MET B 330 12.09 20.91 4.26
CA MET B 330 13.17 20.17 3.62
C MET B 330 12.66 19.27 2.50
N ALA B 331 11.51 18.61 2.70
CA ALA B 331 11.03 17.65 1.73
C ALA B 331 9.51 17.71 1.65
N VAL B 332 8.97 17.20 0.55
CA VAL B 332 7.54 17.14 0.31
C VAL B 332 7.13 15.68 0.23
N ALA B 333 6.08 15.32 0.96
CA ALA B 333 5.55 13.95 0.97
C ALA B 333 4.26 13.92 0.18
N THR B 334 4.19 12.98 -0.77
CA THR B 334 3.01 12.82 -1.61
C THR B 334 2.52 11.38 -1.51
N GLY B 335 1.26 11.21 -1.12
CA GLY B 335 0.65 9.90 -1.12
C GLY B 335 -0.31 9.75 -2.28
N SER B 336 -0.61 8.51 -2.66
CA SER B 336 -1.47 8.24 -3.80
C SER B 336 -2.22 6.95 -3.56
N TRP B 337 -3.23 6.71 -4.41
CA TRP B 337 -3.97 5.45 -4.31
C TRP B 337 -3.15 4.26 -4.79
N ASP B 338 -1.89 4.46 -5.18
CA ASP B 338 -1.01 3.35 -5.53
C ASP B 338 -0.62 2.53 -4.31
N SER B 339 -0.96 2.98 -3.10
CA SER B 339 -0.52 2.39 -1.84
C SER B 339 0.94 2.70 -1.56
N PHE B 340 1.52 3.66 -2.26
CA PHE B 340 2.91 4.06 -2.11
C PHE B 340 2.98 5.52 -1.70
N LEU B 341 4.00 5.86 -0.92
CA LEU B 341 4.30 7.23 -0.56
C LEU B 341 5.68 7.60 -1.09
N LYS B 342 5.76 8.77 -1.73
CA LYS B 342 7.01 9.26 -2.32
C LYS B 342 7.39 10.56 -1.66
N ILE B 343 8.65 10.65 -1.20
CA ILE B 343 9.18 11.84 -0.55
C ILE B 343 10.13 12.52 -1.52
N TRP B 344 9.88 13.79 -1.79
CA TRP B 344 10.67 14.54 -2.77
C TRP B 344 11.56 15.55 -2.06
N GLN C 4 5.57 -5.97 34.79
CA GLN C 4 6.62 -6.34 35.77
C GLN C 4 7.32 -7.63 35.36
N LEU C 5 8.54 -7.83 35.85
CA LEU C 5 9.32 -9.02 35.55
C LEU C 5 9.89 -9.59 36.84
N VAL C 6 9.75 -10.90 37.01
CA VAL C 6 10.24 -11.61 38.19
C VAL C 6 11.02 -12.83 37.73
N GLU C 7 12.20 -13.03 38.31
CA GLU C 7 13.07 -14.14 37.94
C GLU C 7 12.95 -15.26 38.96
N SER C 8 13.29 -16.48 38.52
CA SER C 8 13.24 -17.65 39.38
C SER C 8 14.21 -18.69 38.83
N GLY C 9 14.55 -19.66 39.69
CA GLY C 9 15.44 -20.74 39.32
C GLY C 9 16.82 -20.68 39.92
N GLY C 10 17.07 -19.79 40.88
CA GLY C 10 18.36 -19.68 41.52
C GLY C 10 18.53 -20.70 42.63
N GLY C 11 19.65 -20.57 43.33
CA GLY C 11 19.99 -21.43 44.43
C GLY C 11 21.40 -21.99 44.31
N LEU C 12 21.74 -22.86 45.26
CA LEU C 12 23.06 -23.47 45.29
C LEU C 12 23.20 -24.50 44.18
N VAL C 13 24.31 -24.44 43.45
CA VAL C 13 24.61 -25.37 42.37
C VAL C 13 26.08 -25.75 42.45
N GLN C 14 26.37 -27.04 42.30
CA GLN C 14 27.76 -27.48 42.34
C GLN C 14 28.47 -27.11 41.04
N PRO C 15 29.78 -26.88 41.08
CA PRO C 15 30.50 -26.52 39.85
C PRO C 15 30.41 -27.65 38.82
N GLY C 16 30.34 -27.24 37.55
CA GLY C 16 30.26 -28.17 36.44
C GLY C 16 28.88 -28.72 36.17
N GLY C 17 27.86 -28.32 36.93
CA GLY C 17 26.52 -28.81 36.71
C GLY C 17 25.74 -27.96 35.74
N SER C 18 24.41 -28.05 35.80
CA SER C 18 23.54 -27.25 34.95
C SER C 18 22.34 -26.79 35.76
N ARG C 19 21.95 -25.53 35.56
CA ARG C 19 20.80 -24.96 36.24
C ARG C 19 19.96 -24.20 35.21
N LYS C 20 18.65 -24.22 35.39
CA LYS C 20 17.71 -23.65 34.43
C LYS C 20 17.07 -22.41 35.03
N LEU C 21 17.38 -21.25 34.46
CA LEU C 21 16.81 -19.99 34.92
C LEU C 21 15.66 -19.56 34.02
N SER C 22 14.66 -18.93 34.63
CA SER C 22 13.49 -18.48 33.89
C SER C 22 12.86 -17.30 34.61
N CYS C 23 12.09 -16.52 33.87
CA CYS C 23 11.38 -15.37 34.41
C CYS C 23 10.09 -15.16 33.63
N SER C 24 9.07 -14.64 34.30
CA SER C 24 7.74 -14.48 33.73
C SER C 24 7.46 -13.00 33.50
N ALA C 25 7.05 -12.66 32.29
CA ALA C 25 6.67 -11.28 31.95
C ALA C 25 5.17 -11.10 32.07
N SER C 26 4.76 -9.93 32.55
CA SER C 26 3.35 -9.64 32.71
C SER C 26 3.13 -8.13 32.63
N GLY C 27 1.93 -7.74 32.20
CA GLY C 27 1.56 -6.35 32.16
C GLY C 27 2.02 -5.59 30.93
N PHE C 28 2.61 -6.26 29.95
CA PHE C 28 3.06 -5.59 28.74
C PHE C 28 3.19 -6.61 27.62
N ALA C 29 3.30 -6.09 26.40
CA ALA C 29 3.43 -6.94 25.21
C ALA C 29 4.83 -7.54 25.14
N PHE C 30 5.03 -8.67 25.82
CA PHE C 30 6.35 -9.29 25.85
C PHE C 30 6.83 -9.69 24.46
N SER C 31 5.89 -9.96 23.54
CA SER C 31 6.28 -10.39 22.20
C SER C 31 7.07 -9.33 21.46
N SER C 32 6.69 -8.06 21.59
CA SER C 32 7.32 -7.00 20.82
C SER C 32 8.62 -6.50 21.44
N PHE C 33 8.91 -6.89 22.68
CA PHE C 33 10.04 -6.35 23.41
C PHE C 33 11.23 -7.30 23.42
N GLY C 34 12.42 -6.74 23.22
CA GLY C 34 13.64 -7.51 23.36
C GLY C 34 14.00 -7.75 24.81
N MET C 35 14.86 -8.73 25.02
CA MET C 35 15.26 -9.14 26.37
C MET C 35 16.78 -9.21 26.48
N HIS C 36 17.29 -8.77 27.63
CA HIS C 36 18.70 -8.86 27.95
C HIS C 36 18.87 -9.49 29.32
N TRP C 37 20.00 -10.16 29.52
CA TRP C 37 20.39 -10.70 30.81
C TRP C 37 21.66 -10.02 31.28
N VAL C 38 21.60 -9.45 32.49
CA VAL C 38 22.74 -8.76 33.09
C VAL C 38 22.95 -9.32 34.49
N ARG C 39 24.20 -9.59 34.81
CA ARG C 39 24.57 -10.20 36.09
C ARG C 39 25.51 -9.29 36.84
N GLN C 40 25.42 -9.34 38.16
CA GLN C 40 26.27 -8.54 39.05
C GLN C 40 26.93 -9.48 40.06
N ALA C 41 28.25 -9.42 40.14
CA ALA C 41 28.97 -10.21 41.13
C ALA C 41 28.67 -9.69 42.53
N PRO C 42 28.88 -10.50 43.56
CA PRO C 42 28.51 -10.07 44.93
C PRO C 42 29.18 -8.78 45.38
N GLU C 43 30.37 -8.43 44.85
CA GLU C 43 31.01 -7.19 45.26
C GLU C 43 31.63 -6.43 44.09
N LYS C 44 31.09 -6.57 42.88
CA LYS C 44 31.57 -5.83 41.71
C LYS C 44 30.37 -5.27 40.94
N GLY C 45 30.67 -4.63 39.81
CA GLY C 45 29.66 -3.96 39.02
C GLY C 45 28.92 -4.90 38.09
N LEU C 46 28.11 -4.29 37.23
CA LEU C 46 27.28 -5.05 36.30
C LEU C 46 28.12 -5.59 35.14
N GLU C 47 27.60 -6.63 34.49
CA GLU C 47 28.26 -7.24 33.35
C GLU C 47 27.20 -7.86 32.44
N TRP C 48 27.30 -7.59 31.15
CA TRP C 48 26.36 -8.13 30.18
C TRP C 48 26.58 -9.62 30.00
N VAL C 49 25.50 -10.36 29.75
CA VAL C 49 25.57 -11.81 29.63
C VAL C 49 25.08 -12.25 28.26
N ALA C 50 23.82 -11.96 27.94
CA ALA C 50 23.23 -12.44 26.71
C ALA C 50 22.11 -11.49 26.27
N TYR C 51 21.73 -11.61 25.00
CA TYR C 51 20.66 -10.81 24.43
C TYR C 51 19.91 -11.64 23.39
N ILE C 52 18.60 -11.47 23.36
CA ILE C 52 17.74 -12.11 22.36
C ILE C 52 16.74 -11.07 21.86
N SER C 53 16.63 -10.94 20.54
CA SER C 53 15.74 -9.95 19.96
C SER C 53 14.32 -10.48 19.86
N SER C 54 13.40 -9.59 19.49
CA SER C 54 12.00 -9.99 19.34
C SER C 54 11.85 -11.04 18.25
N GLY C 55 11.05 -12.06 18.53
CA GLY C 55 10.84 -13.12 17.58
C GLY C 55 12.02 -14.07 17.43
N SER C 56 13.00 -13.98 18.33
CA SER C 56 14.18 -14.84 18.30
C SER C 56 14.96 -14.69 17.00
N GLY C 57 14.90 -13.52 16.36
CA GLY C 57 15.59 -13.29 15.12
C GLY C 57 17.05 -12.92 15.24
N THR C 58 17.54 -12.69 16.46
CA THR C 58 18.94 -12.33 16.66
C THR C 58 19.32 -12.66 18.10
N ILE C 59 20.45 -13.33 18.27
CA ILE C 59 20.93 -13.73 19.59
C ILE C 59 22.41 -13.42 19.68
N TYR C 60 22.83 -12.85 20.81
CA TYR C 60 24.23 -12.55 21.06
C TYR C 60 24.59 -13.00 22.47
N TYR C 61 25.87 -13.33 22.65
CA TYR C 61 26.39 -13.73 23.95
C TYR C 61 27.70 -13.02 24.22
N ALA C 62 28.00 -12.82 25.49
CA ALA C 62 29.29 -12.26 25.88
C ALA C 62 30.39 -13.31 25.70
N ASP C 63 31.59 -12.84 25.35
CA ASP C 63 32.69 -13.77 25.10
C ASP C 63 32.98 -14.64 26.32
N THR C 64 32.79 -14.11 27.52
CA THR C 64 33.06 -14.88 28.73
C THR C 64 32.03 -15.99 28.97
N VAL C 65 30.92 -16.00 28.22
CA VAL C 65 29.92 -17.05 28.33
C VAL C 65 29.53 -17.63 26.98
N LYS C 66 30.30 -17.37 25.92
CA LYS C 66 29.95 -17.89 24.60
C LYS C 66 29.92 -19.41 24.63
N GLY C 67 28.84 -19.98 24.09
CA GLY C 67 28.69 -21.42 24.04
C GLY C 67 28.20 -22.01 25.34
N ARG C 68 28.77 -21.54 26.46
CA ARG C 68 28.38 -22.06 27.77
C ARG C 68 26.91 -21.79 28.06
N PHE C 69 26.43 -20.59 27.74
CA PHE C 69 25.08 -20.17 28.06
C PHE C 69 24.21 -20.17 26.81
N THR C 70 22.93 -20.44 27.00
CA THR C 70 21.94 -20.41 25.93
C THR C 70 20.73 -19.64 26.40
N ILE C 71 20.21 -18.78 25.53
CA ILE C 71 19.05 -17.94 25.84
C ILE C 71 17.97 -18.24 24.81
N SER C 72 16.74 -18.45 25.29
CA SER C 72 15.61 -18.76 24.42
C SER C 72 14.37 -18.03 24.93
N ARG C 73 13.41 -17.85 24.02
CA ARG C 73 12.16 -17.17 24.32
C ARG C 73 10.98 -18.08 24.03
N ASP C 74 9.85 -17.79 24.67
CA ASP C 74 8.58 -18.45 24.39
C ASP C 74 7.47 -17.41 24.56
N ASP C 75 7.08 -16.78 23.45
CA ASP C 75 6.05 -15.75 23.52
C ASP C 75 4.72 -16.25 24.09
N PRO C 76 4.20 -17.43 23.71
CA PRO C 76 2.83 -17.78 24.15
C PRO C 76 2.64 -17.73 25.66
N LYS C 77 3.62 -18.17 26.44
CA LYS C 77 3.54 -18.07 27.89
C LYS C 77 4.28 -16.86 28.44
N ASN C 78 4.78 -15.98 27.57
CA ASN C 78 5.42 -14.74 28.01
C ASN C 78 6.54 -15.00 29.00
N THR C 79 7.35 -16.02 28.72
CA THR C 79 8.43 -16.43 29.61
C THR C 79 9.75 -16.40 28.84
N LEU C 80 10.80 -15.96 29.52
CA LEU C 80 12.15 -15.92 28.97
C LEU C 80 13.01 -16.94 29.70
N PHE C 81 13.89 -17.60 28.96
CA PHE C 81 14.66 -18.73 29.47
C PHE C 81 16.15 -18.51 29.23
N LEU C 82 16.96 -19.09 30.13
CA LEU C 82 18.41 -19.08 30.01
C LEU C 82 18.93 -20.41 30.55
N GLN C 83 19.61 -21.18 29.71
CA GLN C 83 20.16 -22.47 30.09
C GLN C 83 21.63 -22.31 30.47
N MET C 84 22.00 -22.82 31.64
CA MET C 84 23.37 -22.79 32.12
C MET C 84 23.91 -24.21 32.19
N THR C 85 25.13 -24.40 31.70
CA THR C 85 25.82 -25.69 31.77
C THR C 85 27.29 -25.46 32.07
N SER C 86 27.89 -26.43 32.75
CA SER C 86 29.31 -26.38 33.11
C SER C 86 29.63 -25.08 33.86
N LEU C 87 29.00 -24.91 35.01
CA LEU C 87 29.20 -23.69 35.80
C LEU C 87 30.63 -23.63 36.33
N ARG C 88 31.12 -22.42 36.50
CA ARG C 88 32.45 -22.18 37.06
C ARG C 88 32.32 -21.13 38.16
N SER C 89 33.31 -21.11 39.05
CA SER C 89 33.26 -20.22 40.21
C SER C 89 33.00 -18.78 39.81
N GLU C 90 33.51 -18.36 38.64
CA GLU C 90 33.31 -16.99 38.20
C GLU C 90 31.84 -16.68 37.94
N ASP C 91 31.01 -17.70 37.75
CA ASP C 91 29.59 -17.49 37.44
C ASP C 91 28.78 -17.11 38.67
N THR C 92 29.37 -17.15 39.87
CA THR C 92 28.66 -16.73 41.07
C THR C 92 28.27 -15.26 40.96
N ALA C 93 26.97 -15.00 40.88
CA ALA C 93 26.46 -13.64 40.69
C ALA C 93 24.95 -13.68 40.74
N MET C 94 24.36 -12.50 40.96
CA MET C 94 22.91 -12.35 40.96
C MET C 94 22.49 -11.70 39.66
N TYR C 95 21.54 -12.32 38.96
CA TYR C 95 21.23 -12.00 37.57
C TYR C 95 19.99 -11.13 37.48
N TYR C 96 19.97 -10.24 36.50
CA TYR C 96 18.86 -9.34 36.25
C TYR C 96 18.26 -9.65 34.89
N CYS C 97 16.93 -9.48 34.78
CA CYS C 97 16.30 -9.44 33.47
C CYS C 97 16.02 -7.99 33.10
N VAL C 98 16.37 -7.61 31.89
CA VAL C 98 16.31 -6.22 31.44
C VAL C 98 15.42 -6.15 30.20
N ARG C 99 14.49 -5.21 30.19
CA ARG C 99 13.54 -5.05 29.11
C ARG C 99 14.03 -4.00 28.13
N SER C 100 13.75 -4.20 26.85
CA SER C 100 14.23 -3.29 25.82
C SER C 100 13.32 -3.33 24.60
N ILE C 101 13.15 -2.17 23.97
CA ILE C 101 12.51 -2.04 22.67
C ILE C 101 13.32 -1.06 21.84
N TYR C 102 13.47 -1.36 20.55
CA TYR C 102 14.31 -0.58 19.66
C TYR C 102 13.47 0.03 18.55
N TYR C 103 13.34 1.36 18.59
CA TYR C 103 12.75 2.12 17.49
C TYR C 103 13.06 3.58 17.72
N TYR C 104 12.83 4.40 16.69
CA TYR C 104 13.15 5.82 16.78
C TYR C 104 12.43 6.44 17.98
N GLY C 105 13.21 7.04 18.87
CA GLY C 105 12.66 7.65 20.07
C GLY C 105 12.44 6.70 21.22
N SER C 106 12.79 5.42 21.08
CA SER C 106 12.58 4.46 22.15
C SER C 106 13.61 4.66 23.25
N SER C 107 13.36 4.01 24.39
CA SER C 107 14.22 4.08 25.57
C SER C 107 14.57 2.66 26.01
N PRO C 108 15.61 2.06 25.42
CA PRO C 108 15.98 0.69 25.82
C PRO C 108 16.46 0.65 27.27
N PHE C 109 16.42 -0.56 27.83
CA PHE C 109 16.88 -0.81 29.20
C PHE C 109 16.06 0.00 30.21
N ASP C 110 14.79 0.22 29.92
CA ASP C 110 13.96 1.06 30.79
C ASP C 110 13.61 0.34 32.08
N PHE C 111 13.24 -0.93 32.01
CA PHE C 111 12.76 -1.69 33.15
C PHE C 111 13.75 -2.80 33.49
N TRP C 112 14.00 -2.98 34.79
CA TRP C 112 14.87 -4.04 35.29
C TRP C 112 14.11 -4.87 36.30
N GLY C 113 14.26 -6.19 36.23
CA GLY C 113 13.54 -7.08 37.12
C GLY C 113 14.11 -7.12 38.52
N GLN C 114 13.41 -7.78 39.44
CA GLN C 114 13.88 -7.89 40.81
C GLN C 114 15.17 -8.67 40.93
N GLY C 115 15.46 -9.56 39.98
CA GLY C 115 16.70 -10.31 39.97
C GLY C 115 16.61 -11.63 40.72
N THR C 116 17.49 -12.54 40.32
CA THR C 116 17.60 -13.86 40.95
C THR C 116 19.07 -14.12 41.26
N THR C 117 19.31 -14.81 42.38
CA THR C 117 20.66 -15.05 42.88
C THR C 117 21.05 -16.49 42.61
N LEU C 118 22.22 -16.69 42.02
CA LEU C 118 22.79 -18.01 41.74
C LEU C 118 24.14 -18.10 42.41
N THR C 119 24.31 -19.12 43.26
CA THR C 119 25.54 -19.32 44.01
C THR C 119 26.14 -20.67 43.64
N VAL C 120 27.42 -20.69 43.30
CA VAL C 120 28.15 -21.91 42.98
C VAL C 120 29.25 -22.07 44.03
N SER C 121 29.32 -23.26 44.62
CA SER C 121 30.27 -23.51 45.69
C SER C 121 31.69 -23.23 45.22
N SER C 122 32.46 -22.53 46.05
CA SER C 122 33.84 -22.18 45.72
C SER C 122 34.74 -22.32 46.94
N SER C 137 38.53 -6.73 22.41
CA SER C 137 38.32 -5.54 21.59
C SER C 137 37.08 -4.78 22.06
N ASP C 138 36.60 -5.11 23.26
CA ASP C 138 35.44 -4.43 23.80
C ASP C 138 35.77 -2.99 24.15
N ILE C 139 34.74 -2.14 24.13
CA ILE C 139 34.93 -0.72 24.42
C ILE C 139 35.11 -0.57 25.93
N VAL C 140 36.31 -0.19 26.36
CA VAL C 140 36.61 -0.05 27.77
C VAL C 140 36.09 1.30 28.27
N MET C 141 35.35 1.27 29.37
CA MET C 141 34.83 2.48 29.99
C MET C 141 35.31 2.53 31.44
N THR C 142 35.71 3.72 31.88
CA THR C 142 36.31 3.91 33.20
C THR C 142 35.61 5.04 33.94
N GLN C 143 35.40 4.83 35.25
CA GLN C 143 34.89 5.85 36.15
C GLN C 143 35.85 5.93 37.34
N ALA C 144 36.89 6.76 37.19
CA ALA C 144 37.92 6.83 38.22
C ALA C 144 37.35 7.28 39.56
N THR C 145 36.34 8.14 39.54
CA THR C 145 35.72 8.64 40.77
C THR C 145 34.81 7.55 41.32
N SER C 146 35.43 6.59 42.01
CA SER C 146 34.68 5.44 42.54
C SER C 146 33.65 5.86 43.59
N SER C 147 34.02 6.76 44.50
CA SER C 147 33.15 7.18 45.57
C SER C 147 33.21 8.70 45.74
N VAL C 148 32.10 9.27 46.17
CA VAL C 148 32.01 10.71 46.41
C VAL C 148 31.15 10.96 47.65
N PRO C 149 31.65 11.69 48.64
CA PRO C 149 30.77 12.09 49.76
C PRO C 149 29.90 13.27 49.36
N VAL C 150 28.60 13.16 49.62
CA VAL C 150 27.63 14.17 49.22
C VAL C 150 26.78 14.55 50.41
N THR C 151 26.23 15.77 50.37
CA THR C 151 25.35 16.28 51.40
C THR C 151 24.00 16.63 50.77
N PRO C 152 22.88 16.40 51.45
CA PRO C 152 21.59 16.74 50.86
C PRO C 152 21.51 18.22 50.49
N GLY C 153 20.90 18.50 49.34
CA GLY C 153 20.79 19.85 48.83
C GLY C 153 21.94 20.31 47.98
N GLU C 154 23.06 19.59 47.96
CA GLU C 154 24.21 19.97 47.16
C GLU C 154 24.06 19.45 45.73
N SER C 155 24.67 20.17 44.79
CA SER C 155 24.71 19.77 43.39
C SER C 155 26.01 19.00 43.14
N VAL C 156 25.88 17.82 42.56
CA VAL C 156 27.01 16.93 42.32
C VAL C 156 27.03 16.53 40.85
N SER C 157 28.23 16.21 40.36
CA SER C 157 28.43 15.81 38.98
C SER C 157 29.27 14.53 38.95
N ILE C 158 29.01 13.69 37.94
CA ILE C 158 29.71 12.44 37.74
C ILE C 158 30.27 12.44 36.33
N SER C 159 31.49 11.92 36.17
CA SER C 159 32.19 11.94 34.89
C SER C 159 32.40 10.51 34.41
N CYS C 160 32.54 10.38 33.09
CA CYS C 160 32.74 9.07 32.47
C CYS C 160 33.68 9.23 31.28
N ARG C 161 34.31 8.13 30.89
CA ARG C 161 35.20 8.10 29.74
C ARG C 161 35.08 6.76 29.04
N SER C 162 35.42 6.75 27.75
CA SER C 162 35.39 5.55 26.93
C SER C 162 36.54 5.56 25.95
N SER C 163 36.96 4.37 25.53
CA SER C 163 38.06 4.23 24.57
C SER C 163 37.60 4.68 23.18
N LYS C 164 36.59 4.01 22.64
CA LYS C 164 36.07 4.39 21.32
C LYS C 164 34.98 5.45 21.47
N SER C 165 35.03 6.44 20.60
CA SER C 165 34.01 7.49 20.63
C SER C 165 32.64 6.88 20.33
N LEU C 166 31.65 7.25 21.13
CA LEU C 166 30.30 6.72 21.01
C LEU C 166 29.40 7.57 20.11
N LEU C 167 29.93 8.65 19.54
CA LEU C 167 29.15 9.53 18.68
C LEU C 167 29.14 8.94 17.27
N HIS C 168 28.06 8.23 16.95
CA HIS C 168 27.93 7.62 15.64
C HIS C 168 27.71 8.69 14.57
N SER C 169 28.00 8.31 13.32
CA SER C 169 27.89 9.26 12.22
C SER C 169 26.49 9.81 12.05
N ASN C 170 25.47 9.09 12.54
CA ASN C 170 24.10 9.55 12.40
C ASN C 170 23.72 10.62 13.41
N GLY C 171 24.60 10.95 14.35
CA GLY C 171 24.35 12.00 15.32
C GLY C 171 23.95 11.51 16.70
N ASN C 172 23.67 10.22 16.85
CA ASN C 172 23.25 9.69 18.15
C ASN C 172 24.46 9.23 18.95
N THR C 173 24.57 9.69 20.19
CA THR C 173 25.61 9.27 21.11
C THR C 173 25.04 8.15 21.97
N TYR C 174 25.55 6.93 21.76
CA TYR C 174 24.98 5.73 22.37
C TYR C 174 25.61 5.46 23.75
N LEU C 175 25.10 6.19 24.74
CA LEU C 175 25.47 5.97 26.13
C LEU C 175 24.23 6.03 27.00
N TYR C 176 24.20 5.22 28.05
CA TYR C 176 23.09 5.15 28.97
C TYR C 176 23.59 5.31 30.40
N TRP C 177 22.73 5.88 31.25
CA TRP C 177 23.04 6.08 32.66
C TRP C 177 22.02 5.32 33.50
N PHE C 178 22.52 4.61 34.52
CA PHE C 178 21.68 3.81 35.40
C PHE C 178 22.03 4.12 36.84
N LEU C 179 21.02 3.98 37.71
CA LEU C 179 21.18 4.21 39.15
C LEU C 179 20.67 2.98 39.89
N GLN C 180 21.49 2.45 40.80
CA GLN C 180 21.15 1.29 41.60
C GLN C 180 21.12 1.70 43.07
N ARG C 181 19.93 1.73 43.64
CA ARG C 181 19.79 2.06 45.05
C ARG C 181 20.09 0.84 45.91
N PRO C 182 20.45 1.04 47.18
CA PRO C 182 20.75 -0.11 48.05
C PRO C 182 19.61 -1.11 48.11
N GLY C 183 19.88 -2.36 47.77
CA GLY C 183 18.87 -3.39 47.82
C GLY C 183 17.75 -3.23 46.82
N GLN C 184 17.98 -2.51 45.72
CA GLN C 184 16.96 -2.30 44.70
C GLN C 184 17.60 -2.44 43.33
N SER C 185 16.77 -2.84 42.35
CA SER C 185 17.28 -3.05 41.01
C SER C 185 17.63 -1.72 40.34
N PRO C 186 18.52 -1.75 39.35
CA PRO C 186 18.87 -0.50 38.66
C PRO C 186 17.67 0.11 37.95
N GLN C 187 17.68 1.43 37.84
CA GLN C 187 16.64 2.19 37.16
C GLN C 187 17.28 3.06 36.10
N LEU C 188 16.70 3.03 34.89
CA LEU C 188 17.18 3.88 33.81
C LEU C 188 17.05 5.34 34.20
N LEU C 189 18.12 6.11 33.99
CA LEU C 189 18.14 7.51 34.40
C LEU C 189 18.21 8.43 33.18
N ILE C 190 19.21 8.24 32.33
CA ILE C 190 19.38 9.03 31.12
C ILE C 190 19.81 8.10 30.00
N TYR C 191 19.22 8.27 28.82
CA TYR C 191 19.55 7.47 27.65
C TYR C 191 19.94 8.37 26.49
N ARG C 192 20.98 7.95 25.77
CA ARG C 192 21.51 8.69 24.62
C ARG C 192 22.04 10.06 25.04
N MET C 193 22.46 10.14 26.31
CA MET C 193 23.30 11.23 26.81
C MET C 193 22.54 12.55 26.96
N SER C 194 21.30 12.61 26.49
CA SER C 194 20.54 13.86 26.54
C SER C 194 19.07 13.68 26.94
N ASN C 195 18.55 12.45 26.92
CA ASN C 195 17.13 12.21 27.13
C ASN C 195 16.90 11.59 28.50
N LEU C 196 16.06 12.23 29.31
CA LEU C 196 15.70 11.67 30.61
C LEU C 196 14.64 10.59 30.44
N ALA C 197 14.81 9.48 31.15
CA ALA C 197 13.85 8.40 31.08
C ALA C 197 12.53 8.80 31.74
N SER C 198 11.45 8.14 31.34
CA SER C 198 10.13 8.46 31.85
C SER C 198 10.10 8.30 33.37
N GLY C 199 9.52 9.29 34.05
CA GLY C 199 9.43 9.28 35.49
C GLY C 199 10.65 9.81 36.22
N VAL C 200 11.71 10.15 35.50
CA VAL C 200 12.91 10.69 36.16
C VAL C 200 12.67 12.16 36.50
N PRO C 201 12.92 12.60 37.72
CA PRO C 201 12.78 14.02 38.04
C PRO C 201 13.71 14.87 37.17
N ASP C 202 13.29 16.12 36.94
CA ASP C 202 14.03 17.03 36.08
C ASP C 202 15.39 17.41 36.66
N ARG C 203 15.67 17.07 37.91
CA ARG C 203 16.94 17.43 38.51
C ARG C 203 18.11 16.87 37.70
N PHE C 204 18.00 15.63 37.26
CA PHE C 204 19.09 14.98 36.54
C PHE C 204 19.27 15.60 35.16
N SER C 205 20.52 15.61 34.70
CA SER C 205 20.85 16.13 33.38
C SER C 205 22.10 15.43 32.88
N GLY C 206 22.29 15.45 31.56
CA GLY C 206 23.44 14.83 30.94
C GLY C 206 23.96 15.58 29.73
N SER C 207 25.28 15.65 29.59
CA SER C 207 25.90 16.32 28.46
C SER C 207 27.34 15.83 28.34
N GLY C 208 27.93 16.07 27.17
CA GLY C 208 29.32 15.71 26.95
C GLY C 208 29.65 15.49 25.49
N SER C 209 30.89 15.75 25.11
CA SER C 209 31.36 15.53 23.75
C SER C 209 31.80 14.07 23.60
N GLY C 210 32.43 13.75 22.48
CA GLY C 210 32.90 12.39 22.28
C GLY C 210 34.02 12.02 23.23
N THR C 211 34.08 10.73 23.54
CA THR C 211 35.16 10.17 24.37
C THR C 211 35.19 10.80 25.76
N ALA C 212 34.16 11.55 26.12
CA ALA C 212 34.09 12.18 27.45
C ALA C 212 32.65 12.58 27.73
N PHE C 213 32.13 12.12 28.86
CA PHE C 213 30.74 12.34 29.22
C PHE C 213 30.64 12.62 30.71
N THR C 214 29.57 13.32 31.10
CA THR C 214 29.34 13.65 32.49
C THR C 214 27.84 13.68 32.77
N LEU C 215 27.49 13.49 34.04
CA LEU C 215 26.12 13.53 34.51
C LEU C 215 26.05 14.43 35.73
N THR C 216 25.04 15.29 35.78
CA THR C 216 24.87 16.25 36.86
C THR C 216 23.54 16.03 37.56
N ILE C 217 23.55 16.20 38.88
CA ILE C 217 22.36 16.07 39.71
C ILE C 217 22.19 17.39 40.47
N SER C 218 21.00 17.98 40.36
CA SER C 218 20.73 19.23 41.04
C SER C 218 20.03 18.99 42.37
N ARG C 219 20.53 19.62 43.43
CA ARG C 219 19.96 19.51 44.78
C ARG C 219 19.65 18.06 45.13
N LEU C 220 20.72 17.26 45.21
CA LEU C 220 20.58 15.86 45.59
C LEU C 220 19.83 15.74 46.91
N GLU C 221 19.00 14.71 47.02
CA GLU C 221 18.13 14.54 48.17
C GLU C 221 18.00 13.05 48.46
N ALA C 222 16.99 12.69 49.25
CA ALA C 222 16.86 11.33 49.76
C ALA C 222 16.80 10.32 48.62
N GLU C 223 17.14 9.06 48.95
CA GLU C 223 17.12 7.93 48.03
C GLU C 223 17.87 8.21 46.74
N ASP C 224 18.78 9.19 46.75
CA ASP C 224 19.67 9.41 45.62
C ASP C 224 21.02 8.73 45.80
N VAL C 225 21.34 8.32 47.03
CA VAL C 225 22.59 7.60 47.28
C VAL C 225 22.54 6.24 46.60
N GLY C 226 23.65 5.85 46.01
CA GLY C 226 23.74 4.58 45.32
C GLY C 226 24.92 4.56 44.38
N VAL C 227 24.93 3.57 43.50
CA VAL C 227 25.98 3.39 42.51
C VAL C 227 25.41 3.73 41.14
N TYR C 228 26.07 4.66 40.45
CA TYR C 228 25.66 5.08 39.12
C TYR C 228 26.51 4.36 38.09
N TYR C 229 25.85 3.68 37.16
CA TYR C 229 26.51 2.85 36.15
C TYR C 229 26.32 3.48 34.77
N CYS C 230 27.42 3.54 34.01
CA CYS C 230 27.38 3.95 32.63
C CYS C 230 27.38 2.72 31.71
N MET C 231 26.80 2.88 30.53
CA MET C 231 26.69 1.78 29.58
C MET C 231 26.76 2.32 28.16
N GLN C 232 27.51 1.63 27.32
CA GLN C 232 27.63 1.95 25.90
C GLN C 232 26.81 0.95 25.08
N HIS C 233 26.26 1.44 23.97
CA HIS C 233 25.43 0.61 23.10
C HIS C 233 25.78 0.80 21.64
N LEU C 234 26.98 1.31 21.36
CA LEU C 234 27.40 1.50 19.96
C LEU C 234 27.49 0.16 19.24
N GLU C 235 28.09 -0.83 19.88
CA GLU C 235 28.22 -2.16 19.29
C GLU C 235 28.46 -3.17 20.40
N TYR C 236 27.98 -4.40 20.18
CA TYR C 236 28.17 -5.46 21.16
C TYR C 236 29.64 -5.87 21.21
N PRO C 237 30.11 -6.40 22.35
CA PRO C 237 29.36 -6.59 23.61
C PRO C 237 29.09 -5.29 24.36
N LEU C 238 28.01 -5.25 25.13
CA LEU C 238 27.69 -4.08 25.93
C LEU C 238 28.55 -4.08 27.19
N THR C 239 29.30 -3.01 27.40
CA THR C 239 30.22 -2.90 28.52
C THR C 239 29.70 -1.90 29.54
N PHE C 240 29.71 -2.28 30.81
CA PHE C 240 29.30 -1.43 31.90
C PHE C 240 30.52 -0.85 32.61
N GLY C 241 30.33 0.28 33.26
CA GLY C 241 31.40 0.91 34.01
C GLY C 241 31.57 0.29 35.38
N ALA C 242 32.61 0.77 36.08
CA ALA C 242 32.89 0.28 37.43
C ALA C 242 31.90 0.81 38.46
N GLY C 243 31.22 1.91 38.17
CA GLY C 243 30.23 2.46 39.10
C GLY C 243 30.80 3.57 39.96
N THR C 244 29.95 4.54 40.27
CA THR C 244 30.28 5.66 41.12
C THR C 244 29.33 5.68 42.30
N LYS C 245 29.88 5.58 43.51
CA LYS C 245 29.07 5.48 44.72
C LYS C 245 28.93 6.85 45.37
N LEU C 246 27.69 7.22 45.70
CA LEU C 246 27.39 8.45 46.40
C LEU C 246 26.97 8.14 47.82
N GLU C 247 27.59 8.79 48.79
CA GLU C 247 27.30 8.55 50.20
C GLU C 247 27.19 9.87 50.96
N ARG D 13 -33.49 32.06 9.39
CA ARG D 13 -33.83 32.75 10.66
C ARG D 13 -32.66 33.58 11.17
N LYS D 14 -31.56 32.90 11.52
CA LYS D 14 -30.41 33.56 12.12
C LYS D 14 -29.37 33.99 11.09
N LEU D 15 -29.61 33.75 9.79
CA LEU D 15 -28.62 34.10 8.79
C LEU D 15 -28.40 35.61 8.70
N VAL D 16 -29.47 36.39 8.87
CA VAL D 16 -29.34 37.85 8.73
C VAL D 16 -28.38 38.41 9.78
N GLU D 17 -28.42 37.90 11.00
CA GLU D 17 -27.49 38.37 12.03
C GLU D 17 -26.05 38.05 11.66
N GLN D 18 -25.81 36.85 11.13
CA GLN D 18 -24.46 36.50 10.71
C GLN D 18 -23.97 37.42 9.59
N LEU D 19 -24.83 37.70 8.62
CA LEU D 19 -24.46 38.61 7.54
C LEU D 19 -24.19 40.00 8.09
N LYS D 20 -25.01 40.47 9.03
CA LYS D 20 -24.78 41.78 9.62
C LYS D 20 -23.43 41.83 10.34
N MET D 21 -23.11 40.78 11.09
CA MET D 21 -21.82 40.74 11.78
C MET D 21 -20.66 40.75 10.79
N GLU D 22 -20.78 39.98 9.71
CA GLU D 22 -19.71 39.91 8.73
C GLU D 22 -19.57 41.21 7.95
N ALA D 23 -20.66 41.97 7.80
CA ALA D 23 -20.60 43.20 7.01
C ALA D 23 -19.76 44.26 7.70
N ASN D 24 -19.81 44.31 9.03
CA ASN D 24 -19.22 45.42 9.77
C ASN D 24 -17.70 45.32 9.92
N ILE D 25 -17.08 44.20 9.55
CA ILE D 25 -15.65 44.04 9.79
C ILE D 25 -14.87 45.02 8.92
N ASP D 26 -13.72 45.43 9.42
CA ASP D 26 -12.84 46.31 8.65
C ASP D 26 -12.15 45.53 7.54
N ARG D 27 -11.79 46.24 6.46
CA ARG D 27 -11.12 45.64 5.32
C ARG D 27 -10.03 46.58 4.83
N ILE D 28 -8.90 46.00 4.42
CA ILE D 28 -7.78 46.77 3.92
C ILE D 28 -7.75 46.67 2.39
N LYS D 29 -7.08 47.64 1.76
CA LYS D 29 -6.95 47.62 0.32
C LYS D 29 -6.13 46.44 -0.13
N VAL D 30 -6.48 45.88 -1.29
CA VAL D 30 -5.79 44.69 -1.79
C VAL D 30 -4.33 44.98 -2.07
N SER D 31 -3.99 46.24 -2.40
CA SER D 31 -2.60 46.57 -2.66
C SER D 31 -1.74 46.38 -1.43
N LYS D 32 -2.22 46.81 -0.27
CA LYS D 32 -1.47 46.61 0.97
C LYS D 32 -1.29 45.13 1.28
N ALA D 33 -2.36 44.34 1.08
CA ALA D 33 -2.27 42.91 1.30
C ALA D 33 -1.23 42.27 0.39
N ALA D 34 -1.24 42.65 -0.89
CA ALA D 34 -0.28 42.10 -1.83
C ALA D 34 1.14 42.49 -1.45
N ALA D 35 1.34 43.75 -1.06
CA ALA D 35 2.67 44.20 -0.67
C ALA D 35 3.17 43.42 0.53
N ASP D 36 2.33 43.25 1.55
CA ASP D 36 2.75 42.50 2.74
C ASP D 36 3.04 41.05 2.38
N LEU D 37 2.20 40.45 1.54
CA LEU D 37 2.40 39.07 1.15
C LEU D 37 3.73 38.88 0.42
N MET D 38 4.02 39.77 -0.53
CA MET D 38 5.27 39.68 -1.28
C MET D 38 6.46 39.93 -0.36
N ALA D 39 6.33 40.88 0.58
CA ALA D 39 7.42 41.15 1.50
C ALA D 39 7.73 39.92 2.36
N TYR D 40 6.69 39.27 2.88
CA TYR D 40 6.90 38.07 3.68
C TYR D 40 7.53 36.97 2.84
N CYS D 41 7.05 36.79 1.60
CA CYS D 41 7.62 35.76 0.74
C CYS D 41 9.09 36.02 0.47
N GLU D 42 9.45 37.27 0.17
CA GLU D 42 10.83 37.60 -0.15
C GLU D 42 11.73 37.46 1.08
N ALA D 43 11.22 37.84 2.25
CA ALA D 43 12.05 37.82 3.46
C ALA D 43 12.53 36.42 3.82
N HIS D 44 11.69 35.40 3.61
CA HIS D 44 12.02 34.03 3.98
C HIS D 44 12.52 33.20 2.80
N ALA D 45 12.78 33.82 1.65
CA ALA D 45 13.25 33.07 0.50
C ALA D 45 14.64 32.47 0.76
N LYS D 46 15.44 33.12 1.61
CA LYS D 46 16.80 32.64 1.87
C LYS D 46 16.81 31.31 2.61
N GLU D 47 15.72 30.94 3.27
CA GLU D 47 15.69 29.76 4.13
C GLU D 47 14.74 28.68 3.63
N ASP D 48 14.44 28.64 2.33
CA ASP D 48 13.58 27.61 1.77
C ASP D 48 14.42 26.65 0.94
N PRO D 49 14.63 25.40 1.38
CA PRO D 49 15.46 24.47 0.60
C PRO D 49 14.79 23.97 -0.67
N LEU D 50 13.46 24.03 -0.77
CA LEU D 50 12.77 23.64 -1.98
C LEU D 50 12.85 24.73 -3.05
N LEU D 51 12.72 25.99 -2.64
CA LEU D 51 12.87 27.09 -3.59
C LEU D 51 14.29 27.12 -4.16
N THR D 52 15.28 26.94 -3.30
CA THR D 52 16.68 26.86 -3.71
C THR D 52 17.26 25.54 -3.22
N PRO D 53 17.66 24.62 -4.10
CA PRO D 53 18.17 23.34 -3.61
C PRO D 53 19.43 23.51 -2.78
N VAL D 54 19.56 22.66 -1.76
CA VAL D 54 20.72 22.70 -0.86
C VAL D 54 21.68 21.60 -1.26
N PRO D 55 22.96 21.70 -0.92
CA PRO D 55 23.91 20.62 -1.29
C PRO D 55 23.56 19.33 -0.58
N ALA D 56 24.15 18.24 -1.09
CA ALA D 56 23.86 16.92 -0.54
C ALA D 56 24.23 16.80 0.93
N SER D 57 25.29 17.48 1.37
CA SER D 57 25.72 17.36 2.76
C SER D 57 24.64 17.87 3.71
N GLU D 58 24.08 19.05 3.43
CA GLU D 58 23.05 19.61 4.31
C GLU D 58 21.74 18.83 4.19
N ASN D 59 21.44 18.33 3.01
CA ASN D 59 20.18 17.62 2.80
C ASN D 59 20.16 16.35 3.64
N PRO D 60 19.18 16.16 4.53
CA PRO D 60 19.10 14.90 5.27
C PRO D 60 18.78 13.69 4.40
N PHE D 61 18.26 13.91 3.19
CA PHE D 61 17.96 12.82 2.27
C PHE D 61 19.05 12.74 1.21
N ARG D 62 19.71 11.60 1.13
CA ARG D 62 20.77 11.38 0.15
C ARG D 62 20.54 10.10 -0.64
N LYS E 158 12.87 -21.29 -56.39
CA LYS E 158 12.73 -19.96 -57.03
C LYS E 158 12.72 -18.86 -55.97
N VAL E 159 12.95 -17.62 -56.41
CA VAL E 159 13.05 -16.48 -55.51
C VAL E 159 11.74 -16.29 -54.74
N VAL E 160 10.63 -16.78 -55.29
CA VAL E 160 9.33 -16.59 -54.65
C VAL E 160 9.36 -17.16 -53.23
N LEU E 161 9.94 -18.35 -53.06
CA LEU E 161 10.03 -18.93 -51.72
C LEU E 161 10.93 -18.10 -50.82
N LEU E 162 12.09 -17.68 -51.33
CA LEU E 162 13.04 -16.93 -50.52
C LEU E 162 12.40 -15.66 -49.97
N THR E 163 11.67 -14.94 -50.81
CA THR E 163 10.97 -13.75 -50.34
C THR E 163 9.87 -14.09 -49.35
N PHE E 164 9.22 -15.24 -49.52
CA PHE E 164 8.20 -15.66 -48.57
C PHE E 164 8.81 -15.88 -47.19
N LEU E 165 9.94 -16.58 -47.12
CA LEU E 165 10.67 -16.68 -45.86
C LEU E 165 10.92 -15.30 -45.27
N SER E 166 11.64 -14.45 -46.02
CA SER E 166 11.98 -13.13 -45.50
C SER E 166 10.75 -12.41 -44.96
N THR E 167 9.62 -12.52 -45.64
CA THR E 167 8.39 -11.91 -45.15
C THR E 167 8.00 -12.51 -43.79
N VAL E 168 8.11 -13.83 -43.67
CA VAL E 168 7.76 -14.48 -42.41
C VAL E 168 8.66 -13.99 -41.28
N ILE E 169 9.97 -13.95 -41.54
CA ILE E 169 10.91 -13.50 -40.49
C ILE E 169 10.64 -12.05 -40.11
N LEU E 170 10.41 -11.19 -41.11
CA LEU E 170 10.13 -9.79 -40.81
C LEU E 170 8.87 -9.67 -39.94
N MET E 171 7.81 -10.39 -40.32
CA MET E 171 6.57 -10.31 -39.56
C MET E 171 6.78 -10.79 -38.14
N ALA E 172 7.47 -11.92 -37.96
CA ALA E 172 7.68 -12.47 -36.62
C ALA E 172 8.50 -11.53 -35.77
N ILE E 173 9.60 -10.99 -36.31
CA ILE E 173 10.45 -10.09 -35.54
C ILE E 173 9.68 -8.84 -35.16
N LEU E 174 8.95 -8.26 -36.10
CA LEU E 174 8.19 -7.05 -35.81
C LEU E 174 7.14 -7.30 -34.75
N GLY E 175 6.41 -8.42 -34.86
CA GLY E 175 5.39 -8.72 -33.86
C GLY E 175 5.98 -8.92 -32.48
N ASN E 176 7.08 -9.68 -32.39
CA ASN E 176 7.70 -9.90 -31.09
C ASN E 176 8.22 -8.60 -30.50
N LEU E 177 8.84 -7.75 -31.31
CA LEU E 177 9.35 -6.48 -30.79
C LEU E 177 8.20 -5.58 -30.34
N LEU E 178 7.10 -5.58 -31.09
CA LEU E 178 5.93 -4.81 -30.66
C LEU E 178 5.40 -5.31 -29.33
N VAL E 179 5.36 -6.63 -29.15
CA VAL E 179 4.89 -7.18 -27.88
C VAL E 179 5.82 -6.76 -26.74
N MET E 180 7.14 -6.86 -26.97
CA MET E 180 8.11 -6.42 -25.96
C MET E 180 7.87 -4.96 -25.57
N VAL E 181 7.79 -4.07 -26.55
CA VAL E 181 7.67 -2.65 -26.24
C VAL E 181 6.32 -2.35 -25.59
N ALA E 182 5.26 -3.03 -26.03
CA ALA E 182 3.94 -2.81 -25.43
C ALA E 182 3.93 -3.21 -23.96
N VAL E 183 4.53 -4.36 -23.64
CA VAL E 183 4.56 -4.78 -22.24
C VAL E 183 5.46 -3.86 -21.43
N CYS E 184 6.60 -3.44 -21.99
CA CYS E 184 7.53 -2.59 -21.25
C CYS E 184 6.91 -1.22 -20.97
N TRP E 185 6.14 -0.69 -21.92
CA TRP E 185 5.64 0.68 -21.81
C TRP E 185 4.43 0.76 -20.90
N ASP E 186 3.44 -0.11 -21.09
CA ASP E 186 2.18 -0.03 -20.37
C ASP E 186 2.39 -0.47 -18.92
N ARG E 187 2.21 0.45 -17.98
CA ARG E 187 2.29 0.11 -16.57
C ARG E 187 1.13 -0.80 -16.15
N GLN E 188 -0.05 -0.59 -16.73
CA GLN E 188 -1.21 -1.40 -16.39
C GLN E 188 -0.98 -2.88 -16.66
N LEU E 189 -0.14 -3.21 -17.65
CA LEU E 189 0.17 -4.61 -17.93
C LEU E 189 1.21 -5.15 -16.95
N ARG E 190 2.15 -4.30 -16.53
CA ARG E 190 3.26 -4.76 -15.70
C ARG E 190 2.79 -5.19 -14.31
N LYS E 191 1.61 -4.71 -13.88
CA LYS E 191 1.14 -5.00 -12.53
C LYS E 191 0.48 -6.36 -12.40
N ILE E 192 0.25 -7.06 -13.51
CA ILE E 192 -0.43 -8.35 -13.51
C ILE E 192 0.61 -9.45 -13.58
N LYS E 193 0.48 -10.45 -12.70
CA LYS E 193 1.47 -11.53 -12.64
C LYS E 193 1.49 -12.34 -13.93
N THR E 194 0.32 -12.65 -14.48
CA THR E 194 0.26 -13.53 -15.65
C THR E 194 0.95 -12.92 -16.86
N ASN E 195 0.98 -11.59 -16.96
CA ASN E 195 1.56 -10.94 -18.13
C ASN E 195 3.04 -11.25 -18.28
N TYR E 196 3.74 -11.56 -17.18
CA TYR E 196 5.18 -11.85 -17.27
C TYR E 196 5.43 -13.09 -18.10
N PHE E 197 4.58 -14.10 -17.99
CA PHE E 197 4.77 -15.32 -18.78
C PHE E 197 4.74 -15.02 -20.27
N ILE E 198 3.81 -14.18 -20.70
CA ILE E 198 3.74 -13.83 -22.13
C ILE E 198 5.01 -13.10 -22.56
N VAL E 199 5.58 -12.29 -21.66
CA VAL E 199 6.82 -11.59 -22.00
C VAL E 199 7.92 -12.60 -22.30
N SER E 200 8.08 -13.60 -21.45
CA SER E 200 9.12 -14.60 -21.68
C SER E 200 8.83 -15.44 -22.92
N LEU E 201 7.56 -15.78 -23.14
CA LEU E 201 7.20 -16.52 -24.36
C LEU E 201 7.58 -15.74 -25.61
N ALA E 202 7.22 -14.46 -25.64
CA ALA E 202 7.52 -13.64 -26.81
C ALA E 202 9.02 -13.37 -26.94
N PHE E 203 9.74 -13.31 -25.82
CA PHE E 203 11.20 -13.17 -25.91
C PHE E 203 11.82 -14.42 -26.52
N ALA E 204 11.35 -15.60 -26.11
CA ALA E 204 11.83 -16.83 -26.73
C ALA E 204 11.49 -16.85 -28.22
N ASP E 205 10.29 -16.38 -28.56
CA ASP E 205 9.90 -16.30 -29.97
C ASP E 205 10.82 -15.36 -30.74
N LEU E 206 11.18 -14.22 -30.15
CA LEU E 206 12.08 -13.28 -30.81
C LEU E 206 13.46 -13.89 -31.00
N LEU E 207 13.93 -14.62 -29.99
CA LEU E 207 15.21 -15.32 -30.14
C LEU E 207 15.15 -16.32 -31.29
N VAL E 208 14.05 -17.08 -31.38
CA VAL E 208 13.87 -17.98 -32.51
C VAL E 208 13.90 -17.20 -33.82
N SER E 209 13.26 -16.04 -33.83
CA SER E 209 13.16 -15.21 -35.04
C SER E 209 14.51 -14.70 -35.52
N VAL E 210 15.36 -14.25 -34.60
CA VAL E 210 16.57 -13.55 -35.01
C VAL E 210 17.78 -14.48 -35.01
N LEU E 211 17.63 -15.68 -34.43
CA LEU E 211 18.73 -16.64 -34.41
C LEU E 211 18.49 -17.91 -35.23
N VAL E 212 17.28 -18.13 -35.75
CA VAL E 212 16.98 -19.42 -36.38
C VAL E 212 16.52 -19.25 -37.82
N MET E 213 15.36 -18.62 -38.04
CA MET E 213 14.82 -18.54 -39.39
C MET E 213 15.73 -17.88 -40.41
N PRO E 214 16.45 -16.79 -40.11
CA PRO E 214 17.40 -16.27 -41.12
C PRO E 214 18.46 -17.28 -41.52
N PHE E 215 18.92 -18.10 -40.57
CA PHE E 215 19.87 -19.16 -40.92
C PHE E 215 19.22 -20.17 -41.86
N GLY E 216 17.95 -20.49 -41.63
CA GLY E 216 17.25 -21.38 -42.55
C GLY E 216 17.09 -20.77 -43.93
N ALA E 217 16.83 -19.46 -43.99
CA ALA E 217 16.79 -18.77 -45.27
C ALA E 217 18.11 -18.85 -46.01
N ILE E 218 19.23 -18.72 -45.30
CA ILE E 218 20.55 -18.97 -45.88
C ILE E 218 20.66 -20.42 -46.37
N GLU E 219 20.19 -21.36 -45.56
CA GLU E 219 20.36 -22.79 -45.88
C GLU E 219 19.60 -23.17 -47.14
N LEU E 220 18.35 -22.72 -47.29
CA LEU E 220 17.54 -23.11 -48.44
C LEU E 220 18.00 -22.51 -49.75
N VAL E 221 18.94 -21.58 -49.75
CA VAL E 221 19.37 -20.95 -50.99
C VAL E 221 20.85 -21.25 -51.26
N GLN E 222 21.73 -20.98 -50.30
CA GLN E 222 23.15 -21.19 -50.53
C GLN E 222 23.50 -22.67 -50.66
N ASP E 223 22.84 -23.54 -49.89
CA ASP E 223 23.03 -24.99 -50.00
C ASP E 223 24.46 -25.39 -49.63
N ILE E 224 25.17 -24.52 -48.92
CA ILE E 224 26.53 -24.79 -48.46
C ILE E 224 26.67 -24.26 -47.05
N TRP E 225 26.99 -25.13 -46.09
CA TRP E 225 27.20 -24.73 -44.71
C TRP E 225 28.65 -24.24 -44.58
N ILE E 226 28.83 -22.96 -44.94
CA ILE E 226 30.16 -22.36 -44.93
C ILE E 226 30.75 -22.25 -43.53
N TYR E 227 29.92 -22.36 -42.50
CA TYR E 227 30.36 -22.10 -41.13
C TYR E 227 31.04 -23.29 -40.46
N GLY E 228 30.99 -24.48 -41.07
CA GLY E 228 31.76 -25.60 -40.58
C GLY E 228 31.00 -26.49 -39.60
N GLU E 229 31.71 -27.51 -39.11
CA GLU E 229 31.08 -28.52 -38.27
C GLU E 229 30.64 -27.95 -36.92
N VAL E 230 31.49 -27.19 -36.25
CA VAL E 230 31.17 -26.71 -34.91
C VAL E 230 29.91 -25.85 -34.94
N PHE E 231 29.82 -24.97 -35.93
CA PHE E 231 28.69 -24.04 -35.97
C PHE E 231 27.40 -24.74 -36.35
N CYS E 232 27.47 -25.85 -37.08
CA CYS E 232 26.28 -26.66 -37.32
C CYS E 232 25.74 -27.23 -36.02
N LEU E 233 26.63 -27.74 -35.17
CA LEU E 233 26.22 -28.25 -33.87
C LEU E 233 25.64 -27.14 -33.02
N VAL E 234 26.26 -25.96 -33.04
CA VAL E 234 25.75 -24.82 -32.29
C VAL E 234 24.35 -24.44 -32.78
N ARG E 235 24.17 -24.42 -34.11
CA ARG E 235 22.87 -24.15 -34.69
C ARG E 235 21.81 -25.14 -34.25
N THR E 236 22.11 -26.44 -34.30
CA THR E 236 21.14 -27.43 -33.88
C THR E 236 20.78 -27.26 -32.40
N SER E 237 21.80 -27.05 -31.56
CA SER E 237 21.54 -26.88 -30.13
C SER E 237 20.68 -25.67 -29.87
N LEU E 238 21.00 -24.53 -30.49
CA LEU E 238 20.21 -23.32 -30.27
C LEU E 238 18.77 -23.50 -30.72
N ASP E 239 18.57 -24.09 -31.89
CA ASP E 239 17.23 -24.28 -32.42
C ASP E 239 16.42 -25.17 -31.48
N VAL E 240 16.97 -26.31 -31.07
CA VAL E 240 16.25 -27.20 -30.18
C VAL E 240 15.93 -26.51 -28.87
N LEU E 241 16.92 -25.81 -28.30
CA LEU E 241 16.72 -25.14 -27.03
C LEU E 241 15.58 -24.14 -27.11
N LEU E 242 15.61 -23.27 -28.13
CA LEU E 242 14.59 -22.23 -28.22
C LEU E 242 13.21 -22.81 -28.52
N THR E 243 13.14 -23.83 -29.38
CA THR E 243 11.85 -24.45 -29.68
C THR E 243 11.24 -25.05 -28.42
N THR E 244 12.02 -25.85 -27.68
CA THR E 244 11.49 -26.44 -26.47
C THR E 244 11.17 -25.37 -25.42
N ALA E 245 11.92 -24.28 -25.40
CA ALA E 245 11.61 -23.19 -24.48
C ALA E 245 10.25 -22.59 -24.80
N SER E 246 9.96 -22.37 -26.08
CA SER E 246 8.66 -21.84 -26.47
C SER E 246 7.54 -22.80 -26.10
N ILE E 247 7.76 -24.10 -26.36
CA ILE E 247 6.74 -25.09 -26.02
C ILE E 247 6.48 -25.09 -24.53
N PHE E 248 7.54 -25.05 -23.72
CA PHE E 248 7.37 -25.04 -22.27
C PHE E 248 6.70 -23.77 -21.80
N HIS E 249 6.98 -22.65 -22.46
CA HIS E 249 6.28 -21.40 -22.12
C HIS E 249 4.79 -21.54 -22.35
N LEU E 250 4.41 -22.10 -23.49
CA LEU E 250 2.98 -22.32 -23.76
C LEU E 250 2.37 -23.23 -22.69
N CYS E 251 3.06 -24.32 -22.36
CA CYS E 251 2.53 -25.26 -21.37
C CYS E 251 2.37 -24.60 -20.01
N CYS E 252 3.35 -23.79 -19.60
CA CYS E 252 3.28 -23.14 -18.30
C CYS E 252 2.23 -22.05 -18.28
N ILE E 253 1.99 -21.37 -19.41
CA ILE E 253 0.87 -20.43 -19.47
C ILE E 253 -0.44 -21.18 -19.28
N SER E 254 -0.57 -22.35 -19.92
CA SER E 254 -1.78 -23.14 -19.74
C SER E 254 -1.95 -23.56 -18.28
N LEU E 255 -0.87 -24.01 -17.64
CA LEU E 255 -0.96 -24.39 -16.23
C LEU E 255 -1.30 -23.21 -15.34
N ASP E 256 -0.76 -22.02 -15.64
CA ASP E 256 -1.07 -20.85 -14.85
C ASP E 256 -2.54 -20.49 -14.96
N ARG E 257 -3.08 -20.54 -16.18
CA ARG E 257 -4.52 -20.28 -16.35
C ARG E 257 -5.34 -21.31 -15.60
N TYR E 258 -4.95 -22.58 -15.68
CA TYR E 258 -5.64 -23.63 -14.93
C TYR E 258 -5.66 -23.30 -13.44
N TYR E 259 -4.48 -23.00 -12.88
CA TYR E 259 -4.42 -22.71 -11.45
C TYR E 259 -5.35 -21.55 -11.10
N ALA E 260 -5.24 -20.44 -11.84
CA ALA E 260 -6.00 -19.25 -11.51
C ALA E 260 -7.50 -19.49 -11.58
N ILE E 261 -7.96 -20.24 -12.59
CA ILE E 261 -9.38 -20.34 -12.85
C ILE E 261 -10.03 -21.52 -12.12
N CYS E 262 -9.26 -22.49 -11.63
CA CYS E 262 -9.86 -23.66 -11.00
C CYS E 262 -9.43 -23.89 -9.55
N CYS E 263 -8.21 -23.55 -9.16
CA CYS E 263 -7.72 -23.96 -7.85
C CYS E 263 -7.92 -22.88 -6.79
N GLN E 264 -7.32 -21.71 -6.98
CA GLN E 264 -7.37 -20.62 -6.00
C GLN E 264 -7.77 -19.33 -6.72
N PRO E 265 -8.98 -19.27 -7.27
CA PRO E 265 -9.41 -18.05 -7.95
C PRO E 265 -9.47 -16.84 -7.03
N LEU E 266 -9.78 -17.02 -5.75
CA LEU E 266 -9.96 -15.89 -4.85
C LEU E 266 -8.63 -15.19 -4.58
N VAL E 267 -7.58 -15.95 -4.28
CA VAL E 267 -6.30 -15.41 -3.87
C VAL E 267 -5.20 -15.71 -4.88
N TYR E 268 -5.56 -15.86 -6.16
CA TYR E 268 -4.57 -16.20 -7.17
C TYR E 268 -3.46 -15.16 -7.26
N ARG E 269 -3.84 -13.88 -7.31
CA ARG E 269 -2.84 -12.83 -7.53
C ARG E 269 -1.82 -12.79 -6.40
N ASN E 270 -2.27 -12.89 -5.15
CA ASN E 270 -1.36 -12.85 -4.02
C ASN E 270 -0.50 -14.11 -3.94
N LYS E 271 -1.10 -15.27 -4.23
CA LYS E 271 -0.35 -16.52 -4.11
C LYS E 271 0.75 -16.64 -5.15
N MET E 272 0.70 -15.83 -6.22
CA MET E 272 1.82 -15.71 -7.16
C MET E 272 2.97 -14.94 -6.50
N THR E 273 3.59 -15.60 -5.52
CA THR E 273 4.80 -15.04 -4.95
C THR E 273 5.90 -15.04 -6.00
N PRO E 274 6.93 -14.21 -5.85
CA PRO E 274 8.02 -14.24 -6.83
C PRO E 274 8.67 -15.60 -6.95
N LEU E 275 8.69 -16.38 -5.87
CA LEU E 275 9.39 -17.67 -5.90
C LEU E 275 8.78 -18.62 -6.90
N ARG E 276 7.45 -18.72 -6.94
CA ARG E 276 6.79 -19.69 -7.81
C ARG E 276 6.92 -19.31 -9.28
N ILE E 277 6.69 -18.03 -9.59
CA ILE E 277 6.84 -17.57 -10.96
C ILE E 277 8.29 -17.72 -11.41
N ALA E 278 9.23 -17.45 -10.51
CA ALA E 278 10.64 -17.66 -10.82
C ALA E 278 10.91 -19.13 -11.11
N LEU E 279 10.33 -20.03 -10.31
CA LEU E 279 10.50 -21.46 -10.54
C LEU E 279 10.02 -21.84 -11.93
N MET E 280 8.79 -21.44 -12.28
CA MET E 280 8.25 -21.77 -13.60
C MET E 280 9.12 -21.20 -14.71
N LEU E 281 9.46 -19.91 -14.62
CA LEU E 281 10.21 -19.27 -15.71
C LEU E 281 11.60 -19.88 -15.86
N GLY E 282 12.28 -20.13 -14.74
CA GLY E 282 13.59 -20.76 -14.80
C GLY E 282 13.52 -22.17 -15.35
N GLY E 283 12.46 -22.91 -15.00
CA GLY E 283 12.26 -24.20 -15.61
C GLY E 283 12.12 -24.13 -17.12
N CYS E 284 11.32 -23.16 -17.59
CA CYS E 284 11.10 -23.03 -19.03
C CYS E 284 12.39 -22.89 -19.82
N TRP E 285 13.44 -22.34 -19.21
CA TRP E 285 14.71 -22.11 -19.90
C TRP E 285 15.77 -23.13 -19.53
N VAL E 286 15.67 -23.79 -18.38
CA VAL E 286 16.71 -24.73 -17.96
C VAL E 286 16.41 -26.13 -18.45
N ILE E 287 15.14 -26.55 -18.35
CA ILE E 287 14.77 -27.90 -18.81
C ILE E 287 15.12 -28.08 -20.28
N PRO E 288 14.89 -27.13 -21.17
CA PRO E 288 15.31 -27.32 -22.57
C PRO E 288 16.79 -27.57 -22.74
N THR E 289 17.64 -27.02 -21.86
CA THR E 289 19.08 -27.21 -22.02
C THR E 289 19.48 -28.67 -21.96
N PHE E 290 18.92 -29.41 -20.99
CA PHE E 290 19.29 -30.81 -20.80
C PHE E 290 18.97 -31.67 -22.01
N ILE E 291 18.08 -31.21 -22.89
CA ILE E 291 17.77 -31.96 -24.11
C ILE E 291 18.38 -31.34 -25.36
N SER E 292 18.76 -30.07 -25.32
CA SER E 292 19.25 -29.36 -26.50
C SER E 292 20.76 -29.27 -26.58
N PHE E 293 21.46 -29.12 -25.46
CA PHE E 293 22.90 -28.95 -25.45
C PHE E 293 23.65 -30.17 -24.93
N LEU E 294 23.27 -30.69 -23.77
CA LEU E 294 24.02 -31.80 -23.17
C LEU E 294 24.05 -33.03 -24.06
N PRO E 295 22.94 -33.51 -24.64
CA PRO E 295 23.01 -34.73 -25.47
C PRO E 295 23.47 -34.46 -26.89
N ILE E 296 23.15 -33.28 -27.42
CA ILE E 296 23.51 -32.96 -28.79
C ILE E 296 25.01 -32.68 -28.90
N MET E 297 25.54 -31.89 -27.97
CA MET E 297 26.96 -31.52 -28.04
C MET E 297 27.85 -32.75 -27.94
N GLN E 298 27.51 -33.67 -27.02
CA GLN E 298 28.30 -34.89 -26.86
C GLN E 298 28.09 -35.90 -27.97
N GLY E 299 27.13 -35.67 -28.85
CA GLY E 299 26.87 -36.60 -29.94
C GLY E 299 26.15 -37.85 -29.53
N TRP E 300 25.44 -37.84 -28.40
CA TRP E 300 24.73 -39.03 -27.96
C TRP E 300 23.61 -39.40 -28.92
N ASN E 301 23.15 -38.45 -29.74
CA ASN E 301 22.09 -38.74 -30.69
C ASN E 301 22.59 -39.53 -31.90
N ASN E 302 23.90 -39.61 -32.10
CA ASN E 302 24.47 -40.24 -33.29
C ASN E 302 24.84 -41.70 -33.08
N ILE E 303 24.99 -42.15 -31.84
CA ILE E 303 25.41 -43.52 -31.61
C ILE E 303 24.36 -44.48 -32.15
N GLY E 304 24.81 -45.52 -32.84
CA GLY E 304 23.93 -46.49 -33.45
C GLY E 304 23.47 -46.15 -34.85
N ILE E 305 23.65 -44.89 -35.28
CA ILE E 305 23.30 -44.46 -36.62
C ILE E 305 24.46 -43.72 -37.30
N ILE E 306 25.69 -43.93 -36.82
CA ILE E 306 26.83 -43.18 -37.34
C ILE E 306 27.02 -43.45 -38.83
N ASP E 307 26.79 -44.70 -39.26
CA ASP E 307 26.95 -45.03 -40.67
C ASP E 307 26.00 -44.23 -41.54
N LEU E 308 24.74 -44.11 -41.11
CA LEU E 308 23.76 -43.36 -41.89
C LEU E 308 24.14 -41.89 -41.98
N ILE E 309 24.59 -41.30 -40.87
CA ILE E 309 25.00 -39.90 -40.87
C ILE E 309 26.19 -39.71 -41.80
N GLU E 310 27.16 -40.62 -41.73
CA GLU E 310 28.35 -40.53 -42.58
C GLU E 310 27.96 -40.59 -44.05
N LYS E 311 27.08 -41.53 -44.40
CA LYS E 311 26.63 -41.62 -45.79
C LYS E 311 25.89 -40.35 -46.21
N ARG E 312 24.96 -39.87 -45.38
CA ARG E 312 24.13 -38.72 -45.74
C ARG E 312 24.96 -37.45 -45.92
N LYS E 313 25.97 -37.26 -45.06
CA LYS E 313 26.73 -36.01 -45.10
C LYS E 313 27.32 -35.74 -46.47
N PHE E 314 27.80 -36.79 -47.15
CA PHE E 314 28.43 -36.66 -48.46
C PHE E 314 27.88 -37.71 -49.41
N ASN E 315 26.55 -37.80 -49.46
CA ASN E 315 25.88 -38.72 -50.37
C ASN E 315 26.45 -38.59 -51.79
N GLN E 316 26.38 -39.70 -52.54
CA GLN E 316 26.72 -39.65 -53.96
C GLN E 316 25.83 -38.65 -54.69
N ASN E 317 24.63 -38.40 -54.17
CA ASN E 317 23.71 -37.46 -54.81
C ASN E 317 24.14 -36.01 -54.64
N SER E 318 24.85 -35.69 -53.56
CA SER E 318 25.22 -34.31 -53.27
C SER E 318 26.71 -34.24 -52.96
N ASN E 319 27.45 -33.46 -53.74
CA ASN E 319 28.86 -33.21 -53.44
C ASN E 319 29.06 -32.11 -52.41
N SER E 320 28.09 -31.22 -52.26
CA SER E 320 28.20 -30.11 -51.31
C SER E 320 27.68 -30.54 -49.94
N THR E 321 28.37 -30.05 -48.90
CA THR E 321 27.98 -30.38 -47.54
C THR E 321 26.67 -29.69 -47.17
N TYR E 322 25.94 -30.30 -46.24
CA TYR E 322 24.68 -29.74 -45.76
C TYR E 322 24.43 -30.26 -44.35
N CYS E 323 23.58 -29.53 -43.62
CA CYS E 323 23.31 -29.87 -42.23
C CYS E 323 22.32 -31.03 -42.14
N VAL E 324 22.61 -31.98 -41.26
CA VAL E 324 21.75 -33.12 -40.99
C VAL E 324 21.65 -33.30 -39.50
N PHE E 325 20.44 -33.55 -39.00
CA PHE E 325 20.17 -33.68 -37.57
C PHE E 325 19.44 -35.00 -37.30
N MET E 326 19.97 -36.08 -37.85
CA MET E 326 19.39 -37.40 -37.61
C MET E 326 19.45 -37.73 -36.12
N VAL E 327 18.40 -38.39 -35.65
CA VAL E 327 18.24 -38.72 -34.23
C VAL E 327 18.02 -40.21 -34.08
N ASN E 328 18.55 -40.78 -33.01
CA ASN E 328 18.48 -42.21 -32.77
C ASN E 328 17.30 -42.56 -31.85
N LYS E 329 17.07 -43.86 -31.69
CA LYS E 329 15.94 -44.34 -30.91
C LYS E 329 15.83 -43.70 -29.53
N PRO E 330 16.81 -43.83 -28.63
CA PRO E 330 16.62 -43.29 -27.28
C PRO E 330 16.43 -41.78 -27.27
N TYR E 331 17.33 -41.04 -27.91
CA TYR E 331 17.17 -39.59 -27.95
C TYR E 331 15.86 -39.20 -28.61
N ALA E 332 15.54 -39.81 -29.75
CA ALA E 332 14.28 -39.50 -30.41
C ALA E 332 13.12 -39.62 -29.45
N ILE E 333 12.92 -40.80 -28.87
CA ILE E 333 11.74 -41.02 -28.03
C ILE E 333 11.76 -40.09 -26.82
N THR E 334 12.88 -40.06 -26.10
CA THR E 334 12.94 -39.30 -24.86
C THR E 334 12.71 -37.81 -25.11
N CYS E 335 13.47 -37.23 -26.03
CA CYS E 335 13.35 -35.81 -26.33
C CYS E 335 12.00 -35.44 -26.88
N SER E 336 11.43 -36.25 -27.79
CA SER E 336 10.10 -35.94 -28.30
C SER E 336 9.06 -35.96 -27.20
N VAL E 337 9.11 -36.98 -26.33
CA VAL E 337 8.14 -37.08 -25.25
C VAL E 337 8.27 -35.89 -24.31
N VAL E 338 9.51 -35.52 -23.97
CA VAL E 338 9.72 -34.40 -23.05
C VAL E 338 9.24 -33.10 -23.67
N ALA E 339 9.56 -32.87 -24.95
CA ALA E 339 9.33 -31.57 -25.56
C ALA E 339 7.88 -31.35 -25.99
N PHE E 340 7.21 -32.36 -26.53
CA PHE E 340 5.90 -32.13 -27.15
C PHE E 340 4.78 -32.90 -26.48
N TYR E 341 4.95 -34.21 -26.30
CA TYR E 341 3.83 -35.05 -25.91
C TYR E 341 3.37 -34.75 -24.49
N ILE E 342 4.29 -34.69 -23.53
CA ILE E 342 3.92 -34.42 -22.14
C ILE E 342 3.34 -33.01 -22.03
N PRO E 343 4.00 -31.98 -22.58
CA PRO E 343 3.37 -30.66 -22.57
C PRO E 343 2.03 -30.62 -23.28
N PHE E 344 1.88 -31.34 -24.39
CA PHE E 344 0.61 -31.34 -25.10
C PHE E 344 -0.49 -31.95 -24.25
N LEU E 345 -0.20 -33.06 -23.58
CA LEU E 345 -1.18 -33.70 -22.71
C LEU E 345 -1.53 -32.79 -21.55
N LEU E 346 -0.52 -32.14 -20.96
CA LEU E 346 -0.78 -31.22 -19.85
C LEU E 346 -1.68 -30.07 -20.29
N MET E 347 -1.39 -29.48 -21.46
CA MET E 347 -2.22 -28.40 -21.96
C MET E 347 -3.63 -28.88 -22.24
N VAL E 348 -3.78 -30.06 -22.84
CA VAL E 348 -5.10 -30.58 -23.14
C VAL E 348 -5.91 -30.75 -21.86
N LEU E 349 -5.30 -31.36 -20.84
CA LEU E 349 -6.01 -31.57 -19.58
C LEU E 349 -6.37 -30.23 -18.93
N ALA E 350 -5.43 -29.30 -18.89
CA ALA E 350 -5.67 -28.01 -18.24
C ALA E 350 -6.80 -27.27 -18.93
N TYR E 351 -6.79 -27.23 -20.26
CA TYR E 351 -7.83 -26.50 -20.98
C TYR E 351 -9.16 -27.22 -20.95
N TYR E 352 -9.17 -28.56 -20.91
CA TYR E 352 -10.42 -29.28 -20.73
C TYR E 352 -11.04 -28.97 -19.38
N ARG E 353 -10.22 -28.91 -18.33
CA ARG E 353 -10.74 -28.55 -17.02
C ARG E 353 -11.21 -27.10 -16.99
N ILE E 354 -10.50 -26.22 -17.70
CA ILE E 354 -10.94 -24.82 -17.82
C ILE E 354 -12.33 -24.76 -18.45
N TYR E 355 -12.50 -25.49 -19.55
CA TYR E 355 -13.80 -25.51 -20.24
C TYR E 355 -14.89 -26.10 -19.34
N VAL E 356 -14.57 -27.16 -18.61
CA VAL E 356 -15.55 -27.77 -17.73
C VAL E 356 -15.98 -26.77 -16.66
N THR E 357 -15.01 -26.07 -16.05
CA THR E 357 -15.34 -25.10 -15.03
C THR E 357 -16.18 -23.96 -15.60
N ALA E 358 -15.82 -23.46 -16.78
CA ALA E 358 -16.56 -22.39 -17.41
C ALA E 358 -17.99 -22.78 -17.75
N LYS E 359 -18.20 -24.00 -18.25
CA LYS E 359 -19.54 -24.50 -18.55
C LYS E 359 -20.34 -24.72 -17.27
N GLU E 360 -19.69 -25.23 -16.21
CA GLU E 360 -20.41 -25.54 -14.98
C GLU E 360 -20.84 -24.27 -14.25
N HIS E 361 -19.95 -23.29 -14.14
CA HIS E 361 -20.24 -22.10 -13.36
C HIS E 361 -20.94 -21.01 -14.16
N ALA E 362 -21.08 -21.18 -15.48
CA ALA E 362 -22.07 -20.43 -16.22
C ALA E 362 -23.47 -21.00 -16.01
N HIS E 363 -23.57 -22.19 -15.43
CA HIS E 363 -24.82 -22.82 -15.08
C HIS E 363 -25.20 -22.37 -13.66
N GLN E 364 -26.08 -23.07 -12.94
CA GLN E 364 -26.62 -22.60 -11.66
C GLN E 364 -27.64 -21.49 -11.88
N ILE E 365 -28.50 -21.67 -12.87
CA ILE E 365 -29.61 -20.76 -13.11
C ILE E 365 -30.81 -21.56 -13.61
N THR E 394 -19.04 -20.20 -24.54
CA THR E 394 -18.85 -20.21 -25.98
C THR E 394 -17.61 -19.42 -26.38
N LYS E 395 -17.42 -18.23 -25.79
CA LYS E 395 -16.25 -17.43 -26.13
C LYS E 395 -14.96 -18.12 -25.68
N ALA E 396 -14.95 -18.66 -24.46
CA ALA E 396 -13.80 -19.42 -24.00
C ALA E 396 -13.58 -20.65 -24.87
N ALA E 397 -14.68 -21.30 -25.29
CA ALA E 397 -14.56 -22.44 -26.17
C ALA E 397 -13.86 -22.06 -27.46
N LYS E 398 -14.28 -20.95 -28.07
CA LYS E 398 -13.66 -20.51 -29.33
C LYS E 398 -12.20 -20.18 -29.12
N THR E 399 -11.87 -19.46 -28.04
CA THR E 399 -10.48 -19.08 -27.81
C THR E 399 -9.61 -20.32 -27.61
N LEU E 400 -10.05 -21.27 -26.78
CA LEU E 400 -9.27 -22.47 -26.54
C LEU E 400 -9.13 -23.30 -27.81
N CYS E 401 -10.21 -23.42 -28.58
CA CYS E 401 -10.14 -24.18 -29.82
C CYS E 401 -9.14 -23.56 -30.78
N ILE E 402 -9.17 -22.23 -30.92
CA ILE E 402 -8.23 -21.56 -31.82
C ILE E 402 -6.81 -21.80 -31.36
N ILE E 403 -6.54 -21.61 -30.07
CA ILE E 403 -5.18 -21.75 -29.56
C ILE E 403 -4.67 -23.17 -29.78
N MET E 404 -5.48 -24.16 -29.39
CA MET E 404 -5.05 -25.55 -29.51
C MET E 404 -4.90 -25.97 -30.98
N GLY E 405 -5.80 -25.53 -31.85
CA GLY E 405 -5.66 -25.84 -33.26
C GLY E 405 -4.40 -25.26 -33.85
N CYS E 406 -4.09 -24.01 -33.49
CA CYS E 406 -2.84 -23.42 -33.96
C CYS E 406 -1.64 -24.20 -33.47
N PHE E 407 -1.63 -24.55 -32.18
CA PHE E 407 -0.49 -25.28 -31.63
C PHE E 407 -0.31 -26.63 -32.32
N CYS E 408 -1.42 -27.35 -32.53
CA CYS E 408 -1.35 -28.66 -33.17
C CYS E 408 -0.89 -28.53 -34.62
N LEU E 409 -1.53 -27.64 -35.38
CA LEU E 409 -1.15 -27.46 -36.78
C LEU E 409 0.31 -27.06 -36.91
N CYS E 410 0.84 -26.35 -35.91
CA CYS E 410 2.23 -25.89 -35.98
C CYS E 410 3.21 -27.02 -35.65
N TRP E 411 2.99 -27.72 -34.53
CA TRP E 411 4.03 -28.57 -33.98
C TRP E 411 3.75 -30.06 -34.10
N ALA E 412 2.50 -30.47 -34.25
CA ALA E 412 2.22 -31.91 -34.32
C ALA E 412 2.91 -32.60 -35.48
N PRO E 413 2.88 -32.09 -36.72
CA PRO E 413 3.52 -32.83 -37.82
C PRO E 413 5.01 -33.07 -37.60
N PHE E 414 5.72 -32.08 -37.06
CA PHE E 414 7.16 -32.23 -36.90
C PHE E 414 7.51 -33.38 -35.97
N PHE E 415 6.80 -33.48 -34.84
CA PHE E 415 7.12 -34.49 -33.85
C PHE E 415 6.65 -35.89 -34.25
N VAL E 416 5.51 -36.00 -34.93
CA VAL E 416 5.11 -37.31 -35.46
C VAL E 416 6.12 -37.77 -36.50
N THR E 417 6.58 -36.84 -37.36
CA THR E 417 7.61 -37.20 -38.33
C THR E 417 8.90 -37.62 -37.64
N ASN E 418 9.27 -36.91 -36.58
CA ASN E 418 10.49 -37.24 -35.86
C ASN E 418 10.41 -38.61 -35.20
N ILE E 419 9.27 -38.94 -34.59
CA ILE E 419 9.14 -40.24 -33.93
C ILE E 419 9.05 -41.38 -34.93
N VAL E 420 8.32 -41.17 -36.04
CA VAL E 420 8.10 -42.26 -36.98
C VAL E 420 9.38 -42.62 -37.72
N ASP E 421 10.16 -41.62 -38.12
CA ASP E 421 11.29 -41.88 -39.02
C ASP E 421 12.29 -42.87 -38.47
N PRO E 422 12.72 -42.80 -37.20
CA PRO E 422 13.65 -43.83 -36.68
C PRO E 422 13.09 -45.24 -36.75
N PHE E 423 11.79 -45.40 -36.99
CA PHE E 423 11.18 -46.72 -37.14
C PHE E 423 11.00 -47.14 -38.58
N ILE E 424 11.00 -46.21 -39.53
CA ILE E 424 10.81 -46.54 -40.95
C ILE E 424 12.11 -46.30 -41.71
N ASP E 425 13.24 -46.37 -41.01
CA ASP E 425 14.57 -46.33 -41.63
C ASP E 425 14.83 -45.00 -42.32
N TYR E 426 14.32 -43.91 -41.74
CA TYR E 426 14.65 -42.57 -42.22
C TYR E 426 14.36 -42.42 -43.71
N THR E 427 13.09 -42.53 -44.11
CA THR E 427 12.72 -42.48 -45.52
C THR E 427 11.97 -41.23 -45.93
N VAL E 428 11.54 -40.39 -44.99
CA VAL E 428 10.79 -39.18 -45.37
C VAL E 428 11.69 -38.27 -46.20
N PRO E 429 11.20 -37.69 -47.29
CA PRO E 429 12.07 -36.81 -48.10
C PRO E 429 12.45 -35.55 -47.35
N GLY E 430 13.58 -34.98 -47.75
CA GLY E 430 14.08 -33.78 -47.09
C GLY E 430 13.14 -32.59 -47.23
N GLN E 431 12.41 -32.50 -48.35
CA GLN E 431 11.50 -31.39 -48.54
C GLN E 431 10.39 -31.39 -47.50
N VAL E 432 9.82 -32.57 -47.19
CA VAL E 432 8.78 -32.65 -46.16
C VAL E 432 9.36 -32.28 -44.80
N TRP E 433 10.58 -32.74 -44.51
CA TRP E 433 11.23 -32.37 -43.26
C TRP E 433 11.37 -30.85 -43.15
N THR E 434 11.84 -30.20 -44.21
CA THR E 434 12.00 -28.75 -44.18
C THR E 434 10.64 -28.07 -44.02
N ALA E 435 9.62 -28.56 -44.72
CA ALA E 435 8.30 -27.95 -44.63
C ALA E 435 7.76 -28.02 -43.21
N PHE E 436 7.88 -29.19 -42.57
CA PHE E 436 7.40 -29.32 -41.20
C PHE E 436 8.24 -28.49 -40.23
N LEU E 437 9.56 -28.49 -40.41
CA LEU E 437 10.42 -27.69 -39.54
C LEU E 437 10.02 -26.22 -39.61
N TRP E 438 9.77 -25.72 -40.82
CA TRP E 438 9.32 -24.34 -40.95
C TRP E 438 7.92 -24.15 -40.35
N LEU E 439 7.01 -25.10 -40.57
CA LEU E 439 5.69 -24.99 -39.97
C LEU E 439 5.80 -24.81 -38.46
N GLY E 440 6.77 -25.48 -37.84
CA GLY E 440 7.08 -25.17 -36.46
C GLY E 440 7.58 -23.74 -36.28
N TYR E 441 8.36 -23.26 -37.26
CA TYR E 441 8.97 -21.94 -37.15
C TYR E 441 7.91 -20.84 -37.14
N ILE E 442 6.90 -20.94 -38.01
CA ILE E 442 5.87 -19.90 -38.06
C ILE E 442 5.13 -19.81 -36.73
N ASN E 443 5.18 -20.85 -35.91
CA ASN E 443 4.53 -20.79 -34.60
C ASN E 443 5.04 -19.61 -33.79
N SER E 444 6.31 -19.26 -33.96
CA SER E 444 6.87 -18.10 -33.26
C SER E 444 6.20 -16.80 -33.66
N GLY E 445 5.89 -16.62 -34.93
CA GLY E 445 5.26 -15.40 -35.39
C GLY E 445 3.77 -15.35 -35.08
N LEU E 446 3.16 -16.52 -34.88
CA LEU E 446 1.73 -16.56 -34.59
C LEU E 446 1.45 -16.38 -33.10
N ASN E 447 2.37 -16.78 -32.23
CA ASN E 447 2.13 -16.68 -30.79
C ASN E 447 1.73 -15.29 -30.35
N PRO E 448 2.36 -14.20 -30.83
CA PRO E 448 1.94 -12.87 -30.41
C PRO E 448 0.46 -12.60 -30.66
N PHE E 449 -0.09 -13.08 -31.79
CA PHE E 449 -1.50 -12.87 -32.07
C PHE E 449 -2.37 -13.68 -31.11
N LEU E 450 -2.00 -14.94 -30.89
CA LEU E 450 -2.84 -15.82 -30.08
C LEU E 450 -2.90 -15.38 -28.63
N TYR E 451 -1.77 -14.97 -28.04
CA TYR E 451 -1.69 -14.75 -26.61
C TYR E 451 -1.56 -13.28 -26.21
N ALA E 452 -1.30 -12.37 -27.15
CA ALA E 452 -1.16 -10.96 -26.82
C ALA E 452 -2.21 -10.11 -27.51
N PHE E 453 -2.37 -10.30 -28.83
CA PHE E 453 -3.30 -9.45 -29.57
C PHE E 453 -4.75 -9.79 -29.26
N LEU E 454 -5.02 -11.02 -28.80
CA LEU E 454 -6.38 -11.48 -28.53
C LEU E 454 -6.80 -11.23 -27.08
N ASN E 455 -6.00 -10.49 -26.32
CA ASN E 455 -6.29 -10.17 -24.92
C ASN E 455 -6.79 -8.74 -24.85
N LYS E 456 -7.91 -8.55 -24.14
CA LYS E 456 -8.50 -7.22 -24.05
C LYS E 456 -7.57 -6.21 -23.41
N SER E 457 -6.72 -6.65 -22.48
CA SER E 457 -5.82 -5.73 -21.81
C SER E 457 -4.63 -5.36 -22.69
N PHE E 458 -4.16 -6.30 -23.51
CA PHE E 458 -2.94 -6.05 -24.28
C PHE E 458 -3.19 -5.12 -25.46
N ARG E 459 -4.41 -5.11 -26.01
CA ARG E 459 -4.69 -4.24 -27.14
C ARG E 459 -4.57 -2.77 -26.76
N ARG E 460 -4.80 -2.45 -25.49
CA ARG E 460 -4.58 -1.09 -25.02
C ARG E 460 -3.12 -0.68 -25.21
N ALA E 461 -2.19 -1.53 -24.75
CA ALA E 461 -0.77 -1.24 -24.93
C ALA E 461 -0.40 -1.22 -26.41
N PHE E 462 -1.00 -2.12 -27.19
CA PHE E 462 -0.73 -2.14 -28.63
C PHE E 462 -1.11 -0.82 -29.28
N LEU E 463 -2.31 -0.32 -28.95
CA LEU E 463 -2.76 0.96 -29.51
C LEU E 463 -1.88 2.11 -29.03
N ILE E 464 -1.48 2.07 -27.75
CA ILE E 464 -0.61 3.12 -27.23
C ILE E 464 0.72 3.13 -27.98
N ILE E 465 1.30 1.96 -28.21
CA ILE E 465 2.55 1.87 -28.95
C ILE E 465 2.36 2.37 -30.38
N LEU E 466 1.27 1.97 -31.03
CA LEU E 466 1.02 2.40 -32.40
C LEU E 466 0.90 3.92 -32.48
N CYS E 467 0.14 4.53 -31.57
CA CYS E 467 0.05 5.99 -31.55
C CYS E 467 1.39 6.63 -31.23
N CYS E 468 2.11 6.07 -30.26
CA CYS E 468 3.42 6.59 -29.85
C CYS E 468 3.32 8.06 -29.47
#